data_9M54
#
_entry.id   9M54
#
_cell.length_a   1.00
_cell.length_b   1.00
_cell.length_c   1.00
_cell.angle_alpha   90.00
_cell.angle_beta   90.00
_cell.angle_gamma   90.00
#
_symmetry.space_group_name_H-M   'P 1'
#
loop_
_entity.id
_entity.type
_entity.pdbx_description
1 polymer 'Neuropeptide FF receptor 2'
2 polymer 'Neuropeptide VF'
3 polymer 'Guanine nucleotide-binding protein G(I)/G(S)/G(T) subunit beta-1'
4 polymer 'Guanine nucleotide-binding protein G(I)/G(S)/G(O) subunit gamma-2'
5 polymer 'Guanine nucleotide-binding protein G(i) subunit alpha-1'
6 polymer scfv16
#
loop_
_entity_poly.entity_id
_entity_poly.type
_entity_poly.pdbx_seq_one_letter_code
_entity_poly.pdbx_strand_id
1 'polypeptide(L)'
;MNEKWDTNSSENWHPIWNVNDTKHHLYSDINITYVNYYLHQPQVAAIFIISYFLIFFLCMMGNTVVCFIVMRNKHMHTVT
NLFILNLAISDLLVGIFCMPITLLDNIIAGWPFGNTMCKISGLVQGISVAASVFTLVAIAVDRFQCVVYPFKPKLTIKTA
FVIIMIIWVLAITIMSPSAVMLHVQEEKYYRVRLNSQNKTSPVYWCREDWPNQEMRKIYTTVLFANIYLAPLSLIVIMYG
RIGISLFRAAVPHTGRKNQEQWHVVSRKKQKIIKMLLIVALLFILSWLPLWTLMMLSDYADLSPNELQIINIYIYPFAHW
LAFGNSSVNPIIYGFFNENFRRGFQEAFQLQLCQKRAKPMEAYALKAKSHVLINTSNQLVQESTFQNPHGETLLYRKSAE
KPQQELVMEELKETTNSSEI
;
R
2 'polypeptide(L)' VPNLPQRF(NH2) L
3 'polypeptide(L)'
;MHHHHHHGSLLQSELDQLRQEAEQLKNQIRDARKACADATLSQITNNIDPVGRIQMRTRRTLRGHLAKIYAMHWGTDSRL
LVSASQDGKLIIWDSYTTNKVHAIPLRSSWVMTCAYAPSGNYVACGGLDNICSIYNLKTREGNVRVSRELAGHTGYLSCC
RFLDDNQIVTSSGDTTCALWDIETGQQTTTFTGHTGDVMSLSLAPDTRLFVSGACDASAKLWDVREGMCRQTFTGHESDI
NAICFFPNGNAFATGSDDATCRLFDLRADQELMTYSHDNIICGITSVSFSKSGRLLLAGYDDFNCNVWDALKADRAGVLA
GHDNRVSCLGVTDDGMAVATGSWDSFLKIWNGSS
;
B
4 'polypeptide(L)' MASNNTASIAQARKLVEQLKMEANIDRIKVSKAAADLMAYCEAHAKEDPLLTPVPASENPFREKKFFCAIL G
5 'polypeptide(L)'
;MGCTLSAEDKAAVERSKMIDRNLREDGEKAAREVKLLLLGAGESGKSTIVKQMKIIHEAGYSEEECKQYKAVVYSNTIQS
IIAIIRAMGRLKIDFGDSARADDARQLFVLAGAAEEGFMTAELAGVIKRLWKDSGVQACFNRSREYQLNDSAAYYLNDLD
RIAQPNYIPTQQDVLRTRVKTTGIVETHFTFKDLHFKMFDVGAQRSERKKWIHCFEGVTAIIFCVALSDYDLVLAEDEEM
NRMHESMKLFDSICNNKWFTDTSIILFLNKKDLFEEKIKKSPLTICYPEYAGSNTYEEAAAYIQCQFEDLNKRKDTKEIY
THFTCSTDTKNVQFVFDAVTDVIIKNNLKDCGLF
;
A
6 'polypeptide(L)'
;VQLVESGGGLVQPGGSRKLSCSASGFAFSSFGMHWVRQAPEKGLEWVAYISSGSGTIYYADTVKGRFTISRDDPKNTLFL
QMTSLRSEDTAMYYCVRSIYYYGSSPFDFWGQGTTLTVSAGGGGSGGGGSGGGGSADIVMTQATSSVPVTPGESVSISCR
SSKSLLHSNGNTYLYWFLQRPGQSPQLLIYRMSNLASGVPDRFSGSGSGTAFTLTISRLEAEDVGVYYCMQHLEYPLTFG
AGTKLEL
;
S
#
loop_
_chem_comp.id
_chem_comp.type
_chem_comp.name
_chem_comp.formula
NH2 non-polymer 'AMINO GROUP' 'H2 N'
#
# COMPACT_ATOMS: atom_id res chain seq x y z
N ASN A 31 -36.51 46.20 51.11
CA ASN A 31 -35.38 45.66 51.85
C ASN A 31 -34.39 44.98 50.91
N ILE A 32 -33.27 45.66 50.64
CA ILE A 32 -32.23 45.12 49.76
C ILE A 32 -31.71 43.82 50.36
N THR A 33 -31.74 42.75 49.58
CA THR A 33 -31.42 41.41 50.06
C THR A 33 -29.93 41.30 50.33
N TYR A 34 -29.57 41.46 51.61
CA TYR A 34 -28.19 41.30 52.06
C TYR A 34 -27.87 39.84 52.34
N VAL A 35 -27.49 39.07 51.32
CA VAL A 35 -27.15 37.67 51.51
C VAL A 35 -25.72 37.56 52.01
N ASN A 36 -25.35 36.40 52.52
CA ASN A 36 -23.99 36.13 53.00
C ASN A 36 -23.13 35.78 51.80
N TYR A 37 -21.84 36.15 51.87
CA TYR A 37 -20.90 35.84 50.80
C TYR A 37 -20.85 34.34 50.58
N TYR A 38 -20.72 33.59 51.67
CA TYR A 38 -20.72 32.13 51.61
C TYR A 38 -22.13 31.65 51.32
N LEU A 39 -22.41 31.31 50.05
CA LEU A 39 -23.75 30.94 49.63
C LEU A 39 -24.22 29.63 50.22
N HIS A 40 -23.38 28.94 51.00
CA HIS A 40 -23.76 27.71 51.66
C HIS A 40 -23.16 27.70 53.05
N GLN A 41 -23.52 26.70 53.83
CA GLN A 41 -22.90 26.50 55.13
C GLN A 41 -21.45 26.10 54.90
N PRO A 42 -20.50 26.59 55.70
CA PRO A 42 -19.10 26.20 55.51
C PRO A 42 -18.91 24.69 55.57
N GLN A 43 -19.71 24.03 56.40
CA GLN A 43 -19.66 22.57 56.47
C GLN A 43 -20.36 21.95 55.26
N VAL A 44 -21.43 22.57 54.78
CA VAL A 44 -22.15 22.05 53.63
C VAL A 44 -21.29 22.17 52.37
N ALA A 45 -20.51 23.25 52.27
CA ALA A 45 -19.69 23.46 51.09
C ALA A 45 -18.68 22.33 50.88
N ALA A 46 -18.42 21.56 51.94
CA ALA A 46 -17.53 20.42 51.83
C ALA A 46 -18.02 19.45 50.77
N ILE A 47 -19.34 19.25 50.69
CA ILE A 47 -19.90 18.35 49.69
C ILE A 47 -19.50 18.86 48.31
N PHE A 48 -19.73 20.15 48.05
CA PHE A 48 -19.43 20.70 46.74
C PHE A 48 -17.96 20.53 46.40
N ILE A 49 -17.08 20.98 47.30
CA ILE A 49 -15.64 20.97 47.01
C ILE A 49 -15.15 19.54 46.82
N ILE A 50 -15.50 18.64 47.73
CA ILE A 50 -14.99 17.27 47.67
C ILE A 50 -15.51 16.55 46.45
N SER A 51 -16.82 16.64 46.18
CA SER A 51 -17.39 15.93 45.04
C SER A 51 -16.81 16.45 43.73
N TYR A 52 -16.74 17.77 43.59
CA TYR A 52 -16.18 18.32 42.37
C TYR A 52 -14.70 18.00 42.25
N PHE A 53 -14.01 17.85 43.38
CA PHE A 53 -12.61 17.44 43.34
C PHE A 53 -12.48 16.01 42.82
N LEU A 54 -13.34 15.11 43.29
CA LEU A 54 -13.31 13.72 42.85
C LEU A 54 -13.55 13.65 41.35
N ILE A 55 -14.58 14.34 40.87
CA ILE A 55 -14.90 14.31 39.45
C ILE A 55 -13.80 15.01 38.64
N PHE A 56 -13.19 16.03 39.22
CA PHE A 56 -12.13 16.74 38.52
C PHE A 56 -10.88 15.90 38.36
N PHE A 57 -10.47 15.21 39.40
CA PHE A 57 -9.20 14.48 39.33
C PHE A 57 -9.24 13.45 38.21
N LEU A 58 -10.29 12.64 38.18
CA LEU A 58 -10.42 11.63 37.14
C LEU A 58 -10.76 12.23 35.78
N CYS A 59 -11.66 13.22 35.69
CA CYS A 59 -11.99 13.77 34.38
C CYS A 59 -10.82 14.49 33.76
N MET A 60 -9.81 14.85 34.56
CA MET A 60 -8.60 15.46 34.04
C MET A 60 -7.54 14.41 33.71
N MET A 61 -7.18 13.58 34.69
CA MET A 61 -6.11 12.61 34.51
C MET A 61 -6.47 11.53 33.49
N GLY A 62 -7.67 10.95 33.61
CA GLY A 62 -8.06 9.92 32.67
C GLY A 62 -8.08 10.41 31.24
N ASN A 63 -8.59 11.64 31.04
CA ASN A 63 -8.60 12.20 29.70
C ASN A 63 -7.21 12.55 29.19
N THR A 64 -6.31 13.01 30.06
CA THR A 64 -4.93 13.23 29.62
C THR A 64 -4.29 11.92 29.19
N VAL A 65 -4.54 10.84 29.94
CA VAL A 65 -4.02 9.54 29.58
C VAL A 65 -4.61 9.07 28.24
N VAL A 66 -5.92 9.25 28.08
CA VAL A 66 -6.58 8.85 26.83
C VAL A 66 -5.98 9.60 25.65
N CYS A 67 -5.62 10.87 25.88
CA CYS A 67 -4.87 11.58 24.85
C CYS A 67 -3.52 10.92 24.62
N PHE A 68 -2.86 10.50 25.71
CA PHE A 68 -1.55 9.88 25.57
C PHE A 68 -1.62 8.55 24.84
N ILE A 69 -2.64 7.73 25.13
CA ILE A 69 -2.69 6.39 24.56
C ILE A 69 -2.87 6.45 23.05
N VAL A 70 -3.56 7.49 22.55
CA VAL A 70 -3.73 7.62 21.12
C VAL A 70 -2.47 8.16 20.45
N MET A 71 -1.63 8.87 21.19
CA MET A 71 -0.36 9.33 20.64
C MET A 71 0.78 8.46 21.16
N ARG A 72 0.53 7.17 21.30
CA ARG A 72 1.56 6.25 21.79
C ARG A 72 1.86 5.08 20.85
N ASN A 73 0.97 4.71 19.93
CA ASN A 73 1.21 3.58 19.05
C ASN A 73 0.80 3.92 17.62
N LYS A 74 1.41 3.22 16.67
CA LYS A 74 1.16 3.42 15.25
C LYS A 74 -0.22 2.94 14.82
N HIS A 75 -0.81 1.99 15.54
CA HIS A 75 -2.16 1.57 15.20
C HIS A 75 -3.21 2.43 15.88
N MET A 76 -2.78 3.42 16.67
CA MET A 76 -3.70 4.46 17.10
C MET A 76 -3.90 5.53 16.03
N HIS A 77 -3.16 5.44 14.91
CA HIS A 77 -3.32 6.37 13.82
C HIS A 77 -4.49 5.94 12.93
N THR A 78 -5.27 4.98 13.41
CA THR A 78 -6.47 4.58 12.70
C THR A 78 -7.54 5.65 12.80
N VAL A 79 -8.72 5.34 12.27
CA VAL A 79 -9.68 6.41 12.04
C VAL A 79 -10.68 6.54 13.20
N THR A 80 -11.00 5.43 13.88
CA THR A 80 -11.91 5.51 15.01
C THR A 80 -11.30 6.31 16.16
N ASN A 81 -9.99 6.17 16.36
CA ASN A 81 -9.31 6.92 17.40
C ASN A 81 -9.38 8.41 17.18
N LEU A 82 -9.69 8.86 15.96
CA LEU A 82 -10.06 10.26 15.77
C LEU A 82 -11.31 10.59 16.56
N PHE A 83 -12.32 9.71 16.53
CA PHE A 83 -13.54 9.96 17.28
C PHE A 83 -13.32 9.87 18.78
N ILE A 84 -12.62 8.85 19.26
CA ILE A 84 -12.35 8.81 20.70
C ILE A 84 -11.48 10.00 21.13
N LEU A 85 -10.62 10.50 20.24
CA LEU A 85 -9.93 11.75 20.55
C LEU A 85 -10.87 12.94 20.57
N ASN A 86 -11.86 12.97 19.68
CA ASN A 86 -12.88 14.01 19.73
C ASN A 86 -13.51 14.05 21.12
N LEU A 87 -13.97 12.90 21.58
CA LEU A 87 -14.58 12.84 22.90
C LEU A 87 -13.58 13.14 24.01
N ALA A 88 -12.32 12.73 23.86
CA ALA A 88 -11.32 13.01 24.87
C ALA A 88 -11.06 14.50 25.00
N ILE A 89 -10.93 15.20 23.88
CA ILE A 89 -10.71 16.64 23.90
C ILE A 89 -11.95 17.35 24.43
N SER A 90 -13.14 16.88 24.03
CA SER A 90 -14.37 17.48 24.53
C SER A 90 -14.43 17.36 26.06
N ASP A 91 -14.11 16.18 26.57
CA ASP A 91 -14.10 15.97 28.01
C ASP A 91 -12.98 16.74 28.68
N LEU A 92 -11.86 16.95 27.99
CA LEU A 92 -10.80 17.77 28.56
C LEU A 92 -11.25 19.21 28.72
N LEU A 93 -11.94 19.74 27.73
CA LEU A 93 -12.50 21.09 27.85
C LEU A 93 -13.53 21.14 28.96
N VAL A 94 -14.36 20.09 29.06
CA VAL A 94 -15.36 20.02 30.13
C VAL A 94 -14.64 20.12 31.45
N GLY A 95 -13.63 19.28 31.62
CA GLY A 95 -12.89 19.26 32.87
C GLY A 95 -12.24 20.58 33.20
N ILE A 96 -11.56 21.17 32.23
CA ILE A 96 -10.82 22.41 32.49
C ILE A 96 -11.78 23.55 32.85
N PHE A 97 -12.79 23.77 32.01
CA PHE A 97 -13.66 24.93 32.21
C PHE A 97 -14.95 24.62 32.94
N CYS A 98 -15.79 23.74 32.37
CA CYS A 98 -17.19 23.66 32.74
C CYS A 98 -17.43 23.39 34.21
N MET A 99 -16.82 22.35 34.76
CA MET A 99 -17.15 22.01 36.13
C MET A 99 -16.50 22.97 37.13
N PRO A 100 -15.31 23.52 36.87
CA PRO A 100 -14.85 24.66 37.70
C PRO A 100 -15.77 25.87 37.62
N ILE A 101 -16.40 26.08 36.47
CA ILE A 101 -17.32 27.20 36.29
C ILE A 101 -18.49 27.05 37.23
N THR A 102 -19.14 25.88 37.22
CA THR A 102 -20.22 25.63 38.16
C THR A 102 -19.71 25.53 39.58
N LEU A 103 -18.44 25.15 39.76
CA LEU A 103 -17.84 25.12 41.08
C LEU A 103 -17.81 26.51 41.69
N LEU A 104 -17.43 27.51 40.90
CA LEU A 104 -17.44 28.87 41.40
C LEU A 104 -18.86 29.34 41.66
N ASP A 105 -19.79 29.03 40.75
CA ASP A 105 -21.15 29.53 40.80
C ASP A 105 -21.91 29.09 42.05
N ASN A 106 -21.52 27.96 42.64
CA ASN A 106 -22.32 27.40 43.73
C ASN A 106 -21.98 28.01 45.08
N ILE A 107 -20.72 27.85 45.53
CA ILE A 107 -20.37 28.27 46.89
C ILE A 107 -20.30 29.79 47.00
N ILE A 108 -19.75 30.46 45.99
CA ILE A 108 -19.53 31.89 46.14
C ILE A 108 -20.50 32.67 45.25
N ALA A 109 -20.49 33.99 45.39
CA ALA A 109 -21.51 34.87 44.83
C ALA A 109 -21.21 35.11 43.35
N GLY A 110 -21.80 36.14 42.72
CA GLY A 110 -21.61 36.45 41.32
C GLY A 110 -20.19 36.34 40.79
N TRP A 111 -20.07 35.97 39.52
CA TRP A 111 -18.81 35.75 38.83
C TRP A 111 -17.85 36.91 39.08
N PRO A 112 -16.78 36.70 39.84
CA PRO A 112 -15.86 37.80 40.15
C PRO A 112 -14.79 38.04 39.09
N PHE A 113 -14.58 37.13 38.15
CA PHE A 113 -13.58 37.31 37.11
C PHE A 113 -13.96 38.37 36.10
N GLY A 114 -15.19 38.85 36.12
CA GLY A 114 -15.60 39.88 35.17
C GLY A 114 -16.55 39.33 34.12
N ASN A 115 -17.21 40.27 33.43
CA ASN A 115 -18.21 39.92 32.43
C ASN A 115 -17.61 39.13 31.28
N THR A 116 -16.51 39.61 30.71
CA THR A 116 -15.88 38.95 29.57
C THR A 116 -15.52 37.51 29.89
N MET A 117 -14.89 37.32 31.05
CA MET A 117 -14.51 35.98 31.48
C MET A 117 -15.74 35.11 31.70
N CYS A 118 -16.80 35.67 32.29
CA CYS A 118 -17.99 34.86 32.57
C CYS A 118 -18.66 34.40 31.28
N LYS A 119 -18.77 35.29 30.30
CA LYS A 119 -19.35 34.87 29.02
C LYS A 119 -18.47 33.86 28.31
N ILE A 120 -17.14 34.06 28.32
CA ILE A 120 -16.25 33.11 27.65
C ILE A 120 -16.41 31.73 28.29
N SER A 121 -16.42 31.70 29.63
CA SER A 121 -16.58 30.43 30.34
C SER A 121 -17.93 29.78 30.04
N GLY A 122 -19.00 30.57 30.06
CA GLY A 122 -20.31 30.04 29.73
C GLY A 122 -20.44 29.51 28.33
N LEU A 123 -19.78 30.17 27.37
CA LEU A 123 -19.76 29.69 25.99
C LEU A 123 -18.95 28.41 25.85
N VAL A 124 -17.82 28.30 26.56
CA VAL A 124 -17.05 27.06 26.55
C VAL A 124 -17.89 25.92 27.10
N GLN A 125 -18.69 26.22 28.14
CA GLN A 125 -19.59 25.22 28.71
C GLN A 125 -20.49 24.62 27.64
N GLY A 126 -21.17 25.49 26.88
CA GLY A 126 -22.09 25.02 25.86
C GLY A 126 -21.39 24.28 24.74
N ILE A 127 -20.26 24.82 24.28
CA ILE A 127 -19.52 24.16 23.22
C ILE A 127 -19.14 22.76 23.65
N SER A 128 -18.65 22.62 24.88
CA SER A 128 -18.22 21.33 25.39
C SER A 128 -19.36 20.35 25.49
N VAL A 129 -20.48 20.78 26.07
CA VAL A 129 -21.62 19.89 26.24
C VAL A 129 -22.14 19.41 24.90
N ALA A 130 -22.37 20.35 23.99
CA ALA A 130 -22.89 20.00 22.68
C ALA A 130 -21.92 19.09 21.93
N ALA A 131 -20.62 19.39 22.02
CA ALA A 131 -19.62 18.57 21.35
C ALA A 131 -19.63 17.15 21.92
N SER A 132 -19.74 17.03 23.24
CA SER A 132 -19.77 15.72 23.87
C SER A 132 -20.95 14.89 23.39
N VAL A 133 -22.14 15.48 23.41
CA VAL A 133 -23.30 14.71 22.97
C VAL A 133 -23.21 14.39 21.49
N PHE A 134 -22.68 15.31 20.68
CA PHE A 134 -22.57 15.04 19.25
C PHE A 134 -21.55 13.96 18.95
N THR A 135 -20.44 13.91 19.68
CA THR A 135 -19.50 12.83 19.43
C THR A 135 -20.00 11.51 19.98
N LEU A 136 -20.84 11.53 21.02
CA LEU A 136 -21.51 10.29 21.41
C LEU A 136 -22.37 9.78 20.26
N VAL A 137 -23.12 10.67 19.64
CA VAL A 137 -23.94 10.25 18.50
C VAL A 137 -23.08 9.75 17.35
N ALA A 138 -21.98 10.45 17.05
CA ALA A 138 -21.11 10.04 15.94
C ALA A 138 -20.43 8.71 16.21
N ILE A 139 -19.96 8.49 17.44
CA ILE A 139 -19.37 7.22 17.80
C ILE A 139 -20.40 6.11 17.67
N ALA A 140 -21.64 6.38 18.09
CA ALA A 140 -22.70 5.39 17.92
C ALA A 140 -22.94 5.09 16.44
N VAL A 141 -22.90 6.12 15.59
CA VAL A 141 -23.07 5.96 14.16
C VAL A 141 -21.99 5.03 13.63
N ASP A 142 -20.75 5.31 14.03
CA ASP A 142 -19.62 4.55 13.52
C ASP A 142 -19.73 3.10 13.97
N ARG A 143 -20.11 2.89 15.23
CA ARG A 143 -20.29 1.55 15.77
C ARG A 143 -21.38 0.79 15.03
N PHE A 144 -22.48 1.49 14.72
CA PHE A 144 -23.63 0.88 14.06
C PHE A 144 -23.24 0.39 12.67
N GLN A 145 -22.63 1.26 11.86
CA GLN A 145 -22.28 0.94 10.48
C GLN A 145 -21.33 -0.25 10.41
N CYS A 146 -20.42 -0.36 11.37
CA CYS A 146 -19.43 -1.44 11.36
C CYS A 146 -20.09 -2.80 11.50
N VAL A 147 -21.21 -2.87 12.24
CA VAL A 147 -21.77 -4.16 12.62
C VAL A 147 -23.02 -4.54 11.83
N VAL A 148 -23.97 -3.62 11.72
CA VAL A 148 -25.27 -3.96 11.13
C VAL A 148 -25.09 -4.43 9.69
N TYR A 149 -24.19 -3.78 8.95
CA TYR A 149 -23.84 -4.21 7.61
C TYR A 149 -22.41 -4.73 7.65
N PRO A 150 -22.21 -6.05 7.52
CA PRO A 150 -20.85 -6.59 7.60
C PRO A 150 -19.90 -5.98 6.58
N PHE A 151 -20.22 -6.10 5.30
CA PHE A 151 -19.40 -5.50 4.25
C PHE A 151 -19.89 -4.07 4.07
N LYS A 152 -18.98 -3.12 4.32
CA LYS A 152 -19.29 -1.70 4.14
C LYS A 152 -17.99 -0.90 4.07
N PRO A 153 -17.76 -0.17 3.00
CA PRO A 153 -16.66 0.79 3.00
C PRO A 153 -17.05 1.99 3.86
N LYS A 154 -17.01 1.79 5.18
CA LYS A 154 -17.61 2.72 6.13
C LYS A 154 -17.06 4.14 6.00
N LEU A 155 -15.75 4.31 5.99
CA LEU A 155 -15.15 5.64 6.10
C LEU A 155 -13.65 5.63 5.90
N THR A 156 -13.02 6.80 6.06
CA THR A 156 -11.57 6.97 5.93
C THR A 156 -11.19 8.15 6.80
N ILE A 157 -9.92 8.57 6.69
CA ILE A 157 -9.46 9.74 7.41
C ILE A 157 -10.29 10.96 7.04
N LYS A 158 -10.53 11.15 5.74
CA LYS A 158 -11.25 12.32 5.24
C LYS A 158 -12.68 12.37 5.77
N THR A 159 -13.43 11.28 5.60
CA THR A 159 -14.84 11.26 5.98
C THR A 159 -15.03 11.48 7.48
N ALA A 160 -14.28 10.74 8.30
CA ALA A 160 -14.42 10.86 9.74
C ALA A 160 -13.92 12.22 10.23
N PHE A 161 -12.86 12.73 9.61
CA PHE A 161 -12.39 14.07 9.96
C PHE A 161 -13.46 15.11 9.65
N VAL A 162 -14.14 14.95 8.53
CA VAL A 162 -15.21 15.87 8.17
C VAL A 162 -16.25 15.81 9.27
N ILE A 163 -16.61 14.61 9.71
CA ILE A 163 -17.61 14.47 10.76
C ILE A 163 -17.15 15.15 12.04
N ILE A 164 -15.87 14.99 12.39
CA ILE A 164 -15.34 15.66 13.57
C ILE A 164 -15.61 17.16 13.48
N MET A 165 -15.25 17.75 12.36
CA MET A 165 -15.44 19.18 12.20
C MET A 165 -16.91 19.55 12.13
N ILE A 166 -17.74 18.69 11.58
CA ILE A 166 -19.17 18.94 11.52
C ILE A 166 -19.67 18.99 12.95
N ILE A 167 -19.28 18.01 13.77
CA ILE A 167 -19.65 18.02 15.18
C ILE A 167 -19.27 19.34 15.76
N TRP A 168 -18.04 19.77 15.55
CA TRP A 168 -17.58 21.01 16.14
C TRP A 168 -18.40 22.21 15.69
N VAL A 169 -18.66 22.33 14.38
CA VAL A 169 -19.50 23.43 13.92
C VAL A 169 -20.85 23.41 14.61
N LEU A 170 -21.50 22.25 14.62
CA LEU A 170 -22.81 22.15 15.26
C LEU A 170 -22.72 22.43 16.75
N ALA A 171 -21.63 22.02 17.39
CA ALA A 171 -21.43 22.36 18.79
C ALA A 171 -21.34 23.86 18.99
N ILE A 172 -20.87 24.59 17.99
CA ILE A 172 -20.83 26.05 18.08
C ILE A 172 -22.14 26.68 17.61
N THR A 173 -22.73 26.17 16.52
CA THR A 173 -23.93 26.77 15.93
C THR A 173 -25.20 26.57 16.74
N ILE A 174 -25.44 25.34 17.19
CA ILE A 174 -26.62 25.08 18.02
C ILE A 174 -26.45 25.82 19.33
N MET A 175 -25.20 26.12 19.69
CA MET A 175 -24.93 26.88 20.91
C MET A 175 -24.85 28.38 20.69
N SER A 176 -24.80 28.82 19.45
CA SER A 176 -24.66 30.24 19.17
C SER A 176 -25.77 31.07 19.81
N PRO A 177 -27.04 30.61 19.75
CA PRO A 177 -28.06 31.41 20.45
C PRO A 177 -27.83 31.51 21.95
N SER A 178 -27.09 30.59 22.54
CA SER A 178 -26.77 30.69 23.96
C SER A 178 -25.87 31.90 24.16
N ALA A 179 -24.72 31.94 23.49
CA ALA A 179 -23.76 33.06 23.66
C ALA A 179 -24.34 34.34 23.07
N VAL A 180 -25.40 34.22 22.27
CA VAL A 180 -26.03 35.42 21.64
C VAL A 180 -26.41 36.42 22.74
N MET A 181 -26.96 35.93 23.86
CA MET A 181 -27.42 36.84 24.93
C MET A 181 -26.96 36.32 26.30
N LEU A 182 -25.86 36.84 26.87
CA LEU A 182 -25.36 36.41 28.19
C LEU A 182 -25.03 37.66 29.02
N HIS A 183 -23.90 38.29 28.84
CA HIS A 183 -23.52 39.55 29.56
C HIS A 183 -23.61 39.31 31.07
N VAL A 184 -24.00 40.32 31.83
CA VAL A 184 -24.01 40.17 33.32
C VAL A 184 -25.28 40.81 33.90
N GLN A 185 -26.13 40.07 34.62
CA GLN A 185 -27.29 40.70 35.24
C GLN A 185 -26.89 41.24 36.61
N GLU A 186 -26.86 42.57 36.67
CA GLU A 186 -26.55 43.21 37.90
C GLU A 186 -27.72 43.13 38.86
N GLU A 187 -27.73 42.13 39.73
CA GLU A 187 -28.87 41.96 40.61
C GLU A 187 -29.19 43.26 41.31
N LYS A 188 -28.21 43.88 41.99
CA LYS A 188 -28.39 45.20 42.65
C LYS A 188 -29.44 45.09 43.77
N TYR A 189 -30.69 44.74 43.41
CA TYR A 189 -31.74 44.52 44.45
C TYR A 189 -31.18 43.56 45.48
N TYR A 190 -30.35 42.61 45.03
CA TYR A 190 -29.70 41.66 45.97
C TYR A 190 -28.34 42.21 46.35
N ARG A 191 -27.87 41.89 47.55
CA ARG A 191 -26.56 42.37 48.02
C ARG A 191 -25.86 41.23 48.74
N VAL A 192 -24.58 41.45 49.08
CA VAL A 192 -23.77 40.43 49.73
C VAL A 192 -23.14 41.00 50.99
N ARG A 193 -23.16 40.18 52.05
CA ARG A 193 -22.39 40.46 53.25
C ARG A 193 -20.95 40.04 52.97
N LEU A 194 -20.12 41.04 52.68
CA LEU A 194 -18.74 40.79 52.30
C LEU A 194 -18.00 40.05 53.42
N ASN A 195 -17.32 38.96 53.07
CA ASN A 195 -16.74 38.06 54.07
C ASN A 195 -15.78 38.76 55.02
N SER A 196 -15.17 39.85 54.57
CA SER A 196 -14.21 40.58 55.40
C SER A 196 -14.86 41.09 56.69
N GLN A 197 -16.01 41.76 56.57
CA GLN A 197 -16.68 42.31 57.75
C GLN A 197 -18.19 42.10 57.73
N ASN A 198 -18.69 41.22 56.86
CA ASN A 198 -20.14 41.01 56.70
C ASN A 198 -20.83 42.34 56.42
N LYS A 199 -20.39 43.04 55.38
CA LYS A 199 -20.94 44.34 55.02
C LYS A 199 -21.47 44.31 53.59
N THR A 200 -22.32 45.27 53.28
CA THR A 200 -23.06 45.36 52.02
C THR A 200 -22.15 45.27 50.79
N SER A 201 -22.58 44.53 49.75
CA SER A 201 -21.78 44.32 48.54
C SER A 201 -22.71 43.92 47.35
N PRO A 202 -23.26 44.89 46.58
CA PRO A 202 -24.25 44.59 45.49
C PRO A 202 -23.76 43.43 44.63
N VAL A 203 -24.66 42.53 44.22
CA VAL A 203 -24.25 41.33 43.47
C VAL A 203 -24.54 41.53 42.01
N TYR A 204 -23.69 40.97 41.14
CA TYR A 204 -23.91 41.07 39.67
C TYR A 204 -23.60 39.70 39.06
N TRP A 205 -24.57 38.78 39.10
CA TRP A 205 -24.33 37.40 38.58
C TRP A 205 -24.22 37.44 37.05
N CYS A 206 -23.64 36.39 36.47
CA CYS A 206 -23.47 36.32 34.99
C CYS A 206 -24.73 35.71 34.35
N ARG A 207 -25.90 36.32 34.60
CA ARG A 207 -27.17 35.78 34.05
C ARG A 207 -27.33 36.24 32.59
N GLU A 208 -28.27 35.65 31.86
CA GLU A 208 -28.43 35.98 30.45
C GLU A 208 -29.22 37.29 30.32
N ASP A 209 -28.63 38.28 29.65
CA ASP A 209 -29.31 39.55 29.39
C ASP A 209 -30.09 39.42 28.09
N TRP A 210 -31.25 38.79 28.19
CA TRP A 210 -32.03 38.59 26.98
C TRP A 210 -33.02 39.73 26.77
N PRO A 211 -32.85 40.49 25.69
CA PRO A 211 -33.81 41.57 25.39
C PRO A 211 -35.14 41.01 24.91
N ASN A 212 -35.12 39.76 24.47
CA ASN A 212 -36.31 39.08 23.97
C ASN A 212 -36.58 37.82 24.79
N GLN A 213 -36.53 37.95 26.11
CA GLN A 213 -36.66 36.80 27.02
C GLN A 213 -37.83 35.89 26.68
N GLU A 214 -38.90 36.45 26.14
CA GLU A 214 -40.11 35.67 25.89
C GLU A 214 -39.90 34.54 24.89
N MET A 215 -39.13 34.80 23.82
CA MET A 215 -38.92 33.75 22.82
C MET A 215 -38.02 32.65 23.34
N ARG A 216 -37.19 32.94 24.34
CA ARG A 216 -36.28 31.95 24.88
C ARG A 216 -37.00 30.83 25.62
N LYS A 217 -38.28 31.01 25.96
CA LYS A 217 -39.04 29.96 26.62
C LYS A 217 -39.23 28.74 25.74
N ILE A 218 -39.00 28.86 24.44
CA ILE A 218 -39.06 27.73 23.53
C ILE A 218 -37.69 27.39 22.93
N TYR A 219 -36.71 28.29 23.02
CA TYR A 219 -35.37 27.96 22.59
C TYR A 219 -34.84 26.79 23.41
N THR A 220 -35.12 26.82 24.72
CA THR A 220 -34.81 25.68 25.58
C THR A 220 -35.59 24.44 25.17
N THR A 221 -36.83 24.57 24.72
CA THR A 221 -37.58 23.41 24.25
C THR A 221 -36.95 22.78 23.02
N VAL A 222 -36.51 23.60 22.07
CA VAL A 222 -35.84 23.08 20.88
C VAL A 222 -34.51 22.44 21.27
N LEU A 223 -33.76 23.08 22.18
CA LEU A 223 -32.53 22.49 22.66
C LEU A 223 -32.77 21.16 23.36
N PHE A 224 -33.85 21.03 24.11
CA PHE A 224 -34.17 19.82 24.84
C PHE A 224 -34.22 18.66 23.85
N ALA A 225 -35.05 18.82 22.81
CA ALA A 225 -35.10 17.80 21.77
C ALA A 225 -33.73 17.57 21.16
N ASN A 226 -33.17 18.61 20.53
CA ASN A 226 -31.97 18.53 19.72
C ASN A 226 -30.75 17.94 20.42
N ILE A 227 -30.63 18.15 21.74
CA ILE A 227 -29.45 17.72 22.47
C ILE A 227 -29.71 16.51 23.36
N TYR A 228 -30.95 16.27 23.82
CA TYR A 228 -31.19 15.08 24.62
C TYR A 228 -31.92 14.02 23.82
N LEU A 229 -33.11 14.30 23.28
CA LEU A 229 -33.91 13.21 22.73
C LEU A 229 -33.39 12.75 21.37
N ALA A 230 -33.15 13.68 20.44
CA ALA A 230 -32.66 13.28 19.14
C ALA A 230 -31.38 12.48 19.33
N PRO A 231 -30.41 12.94 20.14
CA PRO A 231 -29.31 12.04 20.49
C PRO A 231 -29.75 10.82 21.26
N LEU A 232 -30.70 10.94 22.18
CA LEU A 232 -31.16 9.75 22.90
C LEU A 232 -31.86 8.80 21.93
N SER A 233 -32.69 9.35 21.04
CA SER A 233 -33.37 8.50 20.07
C SER A 233 -32.37 7.74 19.23
N LEU A 234 -31.41 8.46 18.64
CA LEU A 234 -30.42 7.78 17.82
C LEU A 234 -29.64 6.75 18.62
N ILE A 235 -29.06 7.15 19.75
CA ILE A 235 -28.26 6.23 20.54
C ILE A 235 -29.09 5.01 20.91
N VAL A 236 -30.40 5.17 21.06
CA VAL A 236 -31.25 3.99 21.26
C VAL A 236 -31.27 3.12 20.02
N ILE A 237 -31.61 3.70 18.86
CA ILE A 237 -31.85 2.87 17.68
C ILE A 237 -30.57 2.16 17.24
N MET A 238 -29.47 2.89 17.09
CA MET A 238 -28.25 2.24 16.60
C MET A 238 -27.72 1.14 17.52
N TYR A 239 -27.58 1.42 18.81
CA TYR A 239 -27.13 0.37 19.70
C TYR A 239 -28.12 -0.79 19.78
N GLY A 240 -29.42 -0.50 19.73
CA GLY A 240 -30.39 -1.57 19.72
C GLY A 240 -30.23 -2.46 18.51
N ARG A 241 -30.12 -1.86 17.33
CA ARG A 241 -29.96 -2.63 16.11
C ARG A 241 -28.66 -3.44 16.15
N ILE A 242 -27.61 -2.87 16.73
CA ILE A 242 -26.39 -3.65 16.93
C ILE A 242 -26.70 -4.87 17.78
N GLY A 243 -27.49 -4.68 18.83
CA GLY A 243 -27.84 -5.79 19.70
C GLY A 243 -28.56 -6.92 18.98
N ILE A 244 -29.56 -6.57 18.16
CA ILE A 244 -30.29 -7.60 17.43
C ILE A 244 -29.41 -8.26 16.37
N SER A 245 -28.62 -7.45 15.66
CA SER A 245 -27.82 -7.99 14.57
C SER A 245 -26.71 -8.90 15.09
N LEU A 246 -26.22 -8.66 16.30
CA LEU A 246 -25.06 -9.40 16.77
C LEU A 246 -25.41 -10.81 17.19
N PHE A 247 -26.59 -11.03 17.79
CA PHE A 247 -26.96 -12.40 18.15
C PHE A 247 -27.45 -13.18 16.95
N ARG A 248 -27.69 -12.51 15.83
CA ARG A 248 -28.13 -13.17 14.60
C ARG A 248 -26.94 -13.54 13.73
N LYS A 268 -18.42 -15.29 25.80
CA LYS A 268 -17.64 -15.31 24.57
C LYS A 268 -17.34 -13.88 24.11
N LYS A 269 -18.37 -13.05 24.15
CA LYS A 269 -18.33 -11.67 23.67
C LYS A 269 -19.28 -10.81 24.47
N GLN A 270 -19.82 -11.36 25.56
CA GLN A 270 -20.89 -10.69 26.30
C GLN A 270 -20.43 -9.35 26.88
N LYS A 271 -19.13 -9.13 26.96
CA LYS A 271 -18.62 -7.87 27.50
C LYS A 271 -19.08 -6.70 26.64
N ILE A 272 -19.12 -6.86 25.33
CA ILE A 272 -19.52 -5.74 24.48
C ILE A 272 -21.04 -5.56 24.52
N ILE A 273 -21.79 -6.66 24.69
CA ILE A 273 -23.23 -6.52 24.88
C ILE A 273 -23.50 -5.70 26.14
N LYS A 274 -22.78 -5.99 27.22
CA LYS A 274 -22.92 -5.23 28.45
C LYS A 274 -22.50 -3.79 28.24
N MET A 275 -21.43 -3.57 27.48
CA MET A 275 -20.94 -2.26 27.15
C MET A 275 -22.04 -1.41 26.51
N LEU A 276 -22.70 -1.98 25.51
CA LEU A 276 -23.76 -1.26 24.81
C LEU A 276 -24.83 -0.78 25.78
N LEU A 277 -25.33 -1.68 26.61
CA LEU A 277 -26.42 -1.36 27.54
C LEU A 277 -25.97 -0.33 28.57
N ILE A 278 -24.76 -0.47 29.09
CA ILE A 278 -24.26 0.44 30.12
C ILE A 278 -24.11 1.85 29.54
N VAL A 279 -23.55 1.95 28.33
CA VAL A 279 -23.39 3.26 27.71
C VAL A 279 -24.74 3.89 27.42
N ALA A 280 -25.70 3.08 26.95
CA ALA A 280 -27.03 3.62 26.72
C ALA A 280 -27.65 4.14 28.00
N LEU A 281 -27.56 3.37 29.08
CA LEU A 281 -28.17 3.77 30.34
C LEU A 281 -27.49 5.01 30.91
N LEU A 282 -26.19 5.15 30.68
CA LEU A 282 -25.48 6.33 31.17
C LEU A 282 -26.11 7.60 30.62
N PHE A 283 -26.26 7.67 29.30
CA PHE A 283 -26.90 8.84 28.72
C PHE A 283 -28.40 8.89 28.98
N ILE A 284 -29.02 7.74 29.26
CA ILE A 284 -30.45 7.73 29.57
C ILE A 284 -30.74 8.38 30.92
N LEU A 285 -29.98 8.04 31.96
CA LEU A 285 -30.30 8.50 33.30
C LEU A 285 -29.17 9.30 33.96
N SER A 286 -28.22 9.83 33.21
CA SER A 286 -27.21 10.71 33.76
C SER A 286 -27.36 12.14 33.29
N TRP A 287 -27.92 12.35 32.09
CA TRP A 287 -28.27 13.67 31.61
C TRP A 287 -29.77 13.88 31.74
N LEU A 288 -30.45 12.92 32.37
CA LEU A 288 -31.89 12.91 32.55
C LEU A 288 -32.41 14.06 33.41
N PRO A 289 -31.86 14.32 34.60
CA PRO A 289 -32.45 15.38 35.43
C PRO A 289 -32.13 16.76 34.89
N LEU A 290 -31.11 16.85 34.07
CA LEU A 290 -30.66 18.16 33.58
C LEU A 290 -31.73 18.83 32.79
N TRP A 291 -32.06 18.24 31.66
CA TRP A 291 -33.06 18.84 30.80
C TRP A 291 -34.36 18.97 31.55
N THR A 292 -34.67 18.02 32.42
CA THR A 292 -35.87 18.13 33.22
C THR A 292 -35.86 19.45 33.97
N LEU A 293 -34.75 19.75 34.63
CA LEU A 293 -34.68 20.97 35.42
C LEU A 293 -34.73 22.24 34.59
N MET A 294 -33.88 22.35 33.56
CA MET A 294 -33.86 23.60 32.81
C MET A 294 -35.16 23.78 32.03
N MET A 295 -35.78 22.69 31.58
CA MET A 295 -37.06 22.79 30.89
C MET A 295 -38.08 23.28 31.88
N LEU A 296 -38.06 22.73 33.10
CA LEU A 296 -39.02 23.13 34.14
C LEU A 296 -39.05 24.64 34.31
N SER A 297 -37.91 25.30 34.08
CA SER A 297 -37.86 26.76 34.24
C SER A 297 -38.79 27.48 33.28
N ASP A 298 -38.76 27.08 32.01
CA ASP A 298 -39.62 27.73 31.00
C ASP A 298 -40.96 27.03 30.93
N TYR A 299 -41.20 26.04 31.80
CA TYR A 299 -42.46 25.32 31.79
C TYR A 299 -43.25 25.66 33.05
N ALA A 300 -43.82 24.64 33.69
CA ALA A 300 -44.58 24.86 34.91
C ALA A 300 -43.73 25.56 35.96
N ASP A 301 -44.16 26.73 36.42
CA ASP A 301 -43.38 27.49 37.40
C ASP A 301 -43.35 26.81 38.76
N LEU A 302 -42.29 27.06 39.53
CA LEU A 302 -42.16 26.44 40.85
C LEU A 302 -42.56 27.41 41.94
N SER A 303 -42.73 26.94 43.17
CA SER A 303 -43.04 27.88 44.26
C SER A 303 -41.79 28.71 44.52
N PRO A 304 -41.90 29.85 45.22
CA PRO A 304 -40.66 30.58 45.58
C PRO A 304 -39.72 29.75 46.45
N ASN A 305 -40.23 29.17 47.53
CA ASN A 305 -39.40 28.31 48.36
C ASN A 305 -38.88 27.11 47.58
N GLU A 306 -39.72 26.51 46.74
CA GLU A 306 -39.27 25.41 45.88
C GLU A 306 -38.11 25.90 45.03
N LEU A 307 -38.39 26.85 44.13
CA LEU A 307 -37.38 27.37 43.22
C LEU A 307 -36.06 27.62 43.95
N GLN A 308 -36.14 28.23 45.12
CA GLN A 308 -34.96 28.44 45.96
C GLN A 308 -34.27 27.12 46.28
N ILE A 309 -35.01 26.15 46.81
CA ILE A 309 -34.39 24.90 47.24
C ILE A 309 -33.76 24.17 46.07
N ILE A 310 -34.50 23.97 44.98
CA ILE A 310 -33.94 23.27 43.83
C ILE A 310 -32.73 24.03 43.29
N ASN A 311 -32.92 25.28 42.87
CA ASN A 311 -31.84 26.02 42.21
C ASN A 311 -30.62 26.19 43.11
N ILE A 312 -30.77 26.06 44.43
CA ILE A 312 -29.62 26.26 45.31
C ILE A 312 -28.91 24.93 45.57
N TYR A 313 -29.65 23.89 45.91
CA TYR A 313 -29.01 22.64 46.34
C TYR A 313 -29.11 21.50 45.33
N ILE A 314 -30.25 21.31 44.67
CA ILE A 314 -30.41 20.12 43.84
C ILE A 314 -29.78 20.33 42.47
N TYR A 315 -29.80 21.57 41.99
CA TYR A 315 -29.16 21.84 40.70
C TYR A 315 -27.66 21.58 40.70
N PRO A 316 -26.88 21.91 41.74
CA PRO A 316 -25.46 21.51 41.73
C PRO A 316 -25.31 20.00 41.60
N PHE A 317 -26.22 19.26 42.24
CA PHE A 317 -26.24 17.81 42.08
C PHE A 317 -26.54 17.43 40.64
N ALA A 318 -27.44 18.18 40.00
CA ALA A 318 -27.76 17.94 38.61
C ALA A 318 -26.52 18.14 37.73
N HIS A 319 -25.81 19.24 37.94
CA HIS A 319 -24.58 19.46 37.20
C HIS A 319 -23.55 18.40 37.50
N TRP A 320 -23.54 17.87 38.72
CA TRP A 320 -22.65 16.76 39.03
C TRP A 320 -22.95 15.57 38.14
N LEU A 321 -24.22 15.23 38.00
CA LEU A 321 -24.59 14.15 37.07
C LEU A 321 -24.26 14.50 35.63
N ALA A 322 -24.49 15.74 35.21
CA ALA A 322 -24.23 16.12 33.83
C ALA A 322 -22.76 15.97 33.49
N PHE A 323 -21.89 16.55 34.31
CA PHE A 323 -20.46 16.39 34.11
C PHE A 323 -20.00 14.97 34.39
N GLY A 324 -20.83 14.18 35.06
CA GLY A 324 -20.51 12.77 35.25
C GLY A 324 -20.41 12.03 33.94
N ASN A 325 -21.21 12.44 32.95
CA ASN A 325 -21.09 11.81 31.64
C ASN A 325 -19.71 12.01 31.07
N SER A 326 -19.19 13.23 31.11
CA SER A 326 -17.84 13.50 30.62
C SER A 326 -16.79 12.81 31.49
N SER A 327 -17.03 12.75 32.79
CA SER A 327 -16.08 12.12 33.70
C SER A 327 -16.02 10.61 33.51
N VAL A 328 -17.12 9.99 33.09
CA VAL A 328 -17.18 8.54 32.96
C VAL A 328 -16.92 8.10 31.52
N ASN A 329 -17.01 9.02 30.56
CA ASN A 329 -16.70 8.73 29.17
C ASN A 329 -15.33 8.08 28.95
N PRO A 330 -14.23 8.58 29.52
CA PRO A 330 -12.93 7.99 29.19
C PRO A 330 -12.76 6.58 29.73
N ILE A 331 -13.15 6.32 30.98
CA ILE A 331 -13.02 4.97 31.53
C ILE A 331 -13.80 3.99 30.66
N ILE A 332 -15.05 4.34 30.36
CA ILE A 332 -15.93 3.48 29.58
C ILE A 332 -15.30 3.19 28.22
N TYR A 333 -15.10 4.24 27.42
CA TYR A 333 -14.62 4.01 26.06
C TYR A 333 -13.17 3.64 25.99
N GLY A 334 -12.40 3.58 27.07
CA GLY A 334 -11.04 3.12 26.97
C GLY A 334 -10.85 1.69 27.44
N PHE A 335 -11.47 1.34 28.57
CA PHE A 335 -11.30 -0.01 29.08
C PHE A 335 -12.31 -0.97 28.45
N PHE A 336 -13.41 -0.46 27.89
CA PHE A 336 -14.31 -1.36 27.17
C PHE A 336 -13.66 -1.87 25.89
N ASN A 337 -12.77 -1.08 25.29
CA ASN A 337 -11.97 -1.52 24.17
C ASN A 337 -10.70 -2.19 24.67
N GLU A 338 -10.05 -3.02 23.84
CA GLU A 338 -8.79 -3.61 24.24
C GLU A 338 -7.72 -3.41 23.18
N ASN A 339 -8.05 -2.68 22.12
CA ASN A 339 -7.01 -2.20 21.22
C ASN A 339 -6.14 -1.15 21.90
N PHE A 340 -6.64 -0.57 22.99
CA PHE A 340 -5.87 0.31 23.85
C PHE A 340 -5.37 -0.43 25.08
N ARG A 341 -6.12 -1.43 25.53
CA ARG A 341 -5.75 -2.20 26.71
C ARG A 341 -4.55 -3.10 26.47
N ARG A 342 -4.21 -3.36 25.21
CA ARG A 342 -3.07 -4.22 24.89
C ARG A 342 -1.77 -3.65 25.44
N PRO B 2 -31.63 36.89 42.19
CA PRO B 2 -30.76 35.83 42.72
C PRO B 2 -29.88 35.23 41.64
N ASN B 3 -29.75 33.91 41.62
CA ASN B 3 -28.90 33.26 40.63
C ASN B 3 -29.52 32.03 40.01
N LEU B 4 -29.58 31.99 38.68
CA LEU B 4 -30.08 30.81 38.01
C LEU B 4 -28.82 30.13 37.53
N PRO B 5 -28.50 28.88 37.99
CA PRO B 5 -27.22 28.21 37.60
C PRO B 5 -26.98 28.27 36.10
N GLN B 6 -25.71 28.44 35.71
CA GLN B 6 -25.35 28.57 34.27
C GLN B 6 -25.89 27.39 33.46
N ARG B 7 -26.50 27.65 32.31
CA ARG B 7 -27.01 26.57 31.45
C ARG B 7 -25.91 25.56 31.19
N PHE B 8 -26.19 24.27 31.38
CA PHE B 8 -25.17 23.18 31.22
C PHE B 8 -23.78 23.71 31.60
N NH2 B 9 -23.63 24.14 32.84
N GLN C 12 22.51 -51.03 -0.90
CA GLN C 12 23.32 -52.22 -1.15
C GLN C 12 24.81 -51.89 -1.05
N SER C 13 25.64 -52.85 -1.46
CA SER C 13 27.09 -52.64 -1.41
C SER C 13 27.51 -51.51 -2.34
N GLU C 14 26.93 -51.45 -3.54
CA GLU C 14 27.27 -50.39 -4.48
C GLU C 14 26.88 -49.02 -3.95
N LEU C 15 25.69 -48.92 -3.35
CA LEU C 15 25.24 -47.65 -2.78
C LEU C 15 26.15 -47.19 -1.65
N ASP C 16 26.54 -48.12 -0.77
CA ASP C 16 27.45 -47.77 0.33
C ASP C 16 28.81 -47.37 -0.20
N GLN C 17 29.31 -48.06 -1.23
CA GLN C 17 30.59 -47.69 -1.82
C GLN C 17 30.53 -46.29 -2.43
N LEU C 18 29.44 -45.98 -3.13
CA LEU C 18 29.29 -44.65 -3.71
C LEU C 18 29.19 -43.59 -2.61
N ARG C 19 28.49 -43.88 -1.53
CA ARG C 19 28.39 -42.93 -0.42
C ARG C 19 29.76 -42.69 0.20
N GLN C 20 30.56 -43.76 0.38
CA GLN C 20 31.91 -43.60 0.91
C GLN C 20 32.78 -42.79 -0.04
N GLU C 21 32.65 -43.02 -1.34
CA GLU C 21 33.41 -42.23 -2.30
C GLU C 21 33.03 -40.76 -2.23
N ALA C 22 31.74 -40.47 -2.11
CA ALA C 22 31.29 -39.08 -1.99
C ALA C 22 31.83 -38.46 -0.70
N GLU C 23 31.81 -39.21 0.39
CA GLU C 23 32.36 -38.70 1.65
C GLU C 23 33.85 -38.41 1.53
N GLN C 24 34.59 -39.30 0.84
CA GLN C 24 36.01 -39.07 0.64
C GLN C 24 36.25 -37.83 -0.21
N LEU C 25 35.45 -37.64 -1.25
CA LEU C 25 35.57 -36.44 -2.08
C LEU C 25 35.30 -35.18 -1.27
N LYS C 26 34.26 -35.22 -0.42
CA LYS C 26 33.96 -34.07 0.42
C LYS C 26 35.10 -33.79 1.39
N ASN C 27 35.68 -34.84 1.97
CA ASN C 27 36.81 -34.64 2.87
C ASN C 27 38.00 -34.05 2.15
N GLN C 28 38.27 -34.51 0.92
CA GLN C 28 39.36 -33.94 0.15
C GLN C 28 39.11 -32.47 -0.16
N ILE C 29 37.87 -32.12 -0.52
CA ILE C 29 37.54 -30.73 -0.81
C ILE C 29 37.70 -29.87 0.43
N ARG C 30 37.24 -30.35 1.58
CA ARG C 30 37.40 -29.61 2.82
C ARG C 30 38.87 -29.43 3.17
N ASP C 31 39.67 -30.48 2.98
CA ASP C 31 41.10 -30.38 3.25
C ASP C 31 41.77 -29.36 2.33
N ALA C 32 41.38 -29.34 1.06
CA ALA C 32 41.94 -28.37 0.13
C ALA C 32 41.54 -26.95 0.53
N ARG C 33 40.28 -26.75 0.93
CA ARG C 33 39.86 -25.43 1.37
C ARG C 33 40.61 -24.99 2.61
N LYS C 34 40.84 -25.91 3.55
CA LYS C 34 41.62 -25.57 4.74
C LYS C 34 43.04 -25.23 4.38
N ALA C 35 43.64 -25.97 3.44
CA ALA C 35 45.00 -25.70 3.01
C ALA C 35 45.11 -24.33 2.36
N CYS C 36 44.13 -23.96 1.55
CA CYS C 36 44.13 -22.63 0.95
C CYS C 36 43.77 -21.54 1.95
N ALA C 37 43.33 -21.91 3.15
CA ALA C 37 42.98 -20.94 4.19
C ALA C 37 44.22 -20.66 5.02
N ASP C 38 44.76 -19.45 4.86
CA ASP C 38 45.94 -19.03 5.63
C ASP C 38 45.60 -18.00 6.68
N ALA C 39 44.89 -16.92 6.31
CA ALA C 39 44.51 -15.87 7.24
C ALA C 39 43.08 -15.44 6.94
N THR C 40 42.32 -15.16 8.00
CA THR C 40 40.96 -14.69 7.83
C THR C 40 40.94 -13.29 7.24
N LEU C 41 39.87 -12.99 6.51
CA LEU C 41 39.75 -11.70 5.83
C LEU C 41 39.76 -10.53 6.80
N SER C 42 39.33 -10.75 8.05
CA SER C 42 39.31 -9.66 9.02
C SER C 42 40.71 -9.16 9.34
N GLN C 43 41.68 -10.07 9.45
CA GLN C 43 43.04 -9.66 9.79
C GLN C 43 43.65 -8.77 8.71
N ILE C 44 43.41 -9.10 7.44
CA ILE C 44 43.96 -8.29 6.36
C ILE C 44 43.35 -6.89 6.39
N THR C 45 42.04 -6.79 6.62
CA THR C 45 41.35 -5.52 6.68
C THR C 45 41.32 -4.93 8.08
N ASN C 46 42.12 -5.47 9.00
CA ASN C 46 42.19 -4.89 10.34
C ASN C 46 42.81 -3.50 10.33
N ASN C 47 43.68 -3.20 9.38
CA ASN C 47 44.42 -1.95 9.34
C ASN C 47 43.76 -0.88 8.48
N ILE C 48 42.58 -1.15 7.91
CA ILE C 48 41.93 -0.15 7.06
C ILE C 48 41.18 0.85 7.93
N ASP C 49 40.99 2.05 7.39
CA ASP C 49 40.28 3.08 8.12
C ASP C 49 38.79 2.74 8.16
N PRO C 50 38.16 2.72 9.33
CA PRO C 50 36.75 2.34 9.39
C PRO C 50 35.84 3.47 8.98
N VAL C 51 34.67 3.08 8.45
CA VAL C 51 33.70 4.08 8.06
C VAL C 51 33.05 4.68 9.30
N GLY C 52 32.52 5.89 9.15
CA GLY C 52 31.84 6.54 10.24
C GLY C 52 30.46 5.95 10.47
N ARG C 53 29.51 6.78 10.89
CA ARG C 53 28.15 6.32 11.11
C ARG C 53 27.32 6.70 9.90
N ILE C 54 26.99 5.70 9.06
CA ILE C 54 26.13 5.95 7.91
C ILE C 54 24.76 6.39 8.42
N GLN C 55 24.27 7.51 7.92
CA GLN C 55 23.08 8.16 8.43
C GLN C 55 22.05 8.33 7.33
N MET C 56 21.78 7.23 6.63
CA MET C 56 20.82 7.24 5.54
C MET C 56 19.47 7.70 6.04
N ARG C 57 18.85 8.63 5.33
CA ARG C 57 17.54 9.14 5.71
C ARG C 57 16.58 9.06 4.54
N THR C 58 15.30 8.90 4.86
CA THR C 58 14.27 8.76 3.85
C THR C 58 14.14 10.04 3.03
N ARG C 59 14.52 9.97 1.76
CA ARG C 59 14.39 11.12 0.87
C ARG C 59 13.07 11.14 0.14
N ARG C 60 12.47 9.98 -0.10
CA ARG C 60 11.20 9.88 -0.79
C ARG C 60 10.43 8.68 -0.27
N THR C 61 9.11 8.74 -0.39
CA THR C 61 8.24 7.63 -0.05
C THR C 61 7.28 7.42 -1.22
N LEU C 62 6.93 6.16 -1.47
CA LEU C 62 6.12 5.80 -2.62
C LEU C 62 4.90 5.02 -2.14
N ARG C 63 3.73 5.64 -2.27
CA ARG C 63 2.47 5.04 -1.84
C ARG C 63 1.63 4.69 -3.07
N GLY C 64 0.68 3.78 -2.87
CA GLY C 64 -0.19 3.35 -3.95
C GLY C 64 -0.52 1.88 -3.88
N HIS C 65 0.34 1.10 -3.26
CA HIS C 65 0.10 -0.32 -3.09
C HIS C 65 -0.87 -0.55 -1.94
N LEU C 66 -1.62 -1.65 -2.02
CA LEU C 66 -2.64 -1.98 -1.03
C LEU C 66 -2.41 -3.34 -0.39
N ALA C 67 -1.20 -3.89 -0.48
CA ALA C 67 -0.91 -5.19 0.10
C ALA C 67 0.60 -5.32 0.26
N LYS C 68 1.04 -6.50 0.69
CA LYS C 68 2.45 -6.70 1.02
C LYS C 68 3.31 -6.69 -0.23
N ILE C 69 4.25 -5.77 -0.29
CA ILE C 69 5.22 -5.69 -1.38
C ILE C 69 6.23 -6.84 -1.21
N TYR C 70 6.40 -7.63 -2.26
CA TYR C 70 7.24 -8.82 -2.17
C TYR C 70 8.58 -8.72 -2.88
N ALA C 71 8.67 -7.95 -3.96
CA ALA C 71 9.93 -7.83 -4.67
C ALA C 71 9.99 -6.49 -5.38
N MET C 72 11.20 -6.05 -5.68
CA MET C 72 11.41 -4.84 -6.46
C MET C 72 12.73 -4.95 -7.22
N HIS C 73 12.86 -4.15 -8.27
CA HIS C 73 14.06 -4.13 -9.08
C HIS C 73 14.24 -2.76 -9.71
N TRP C 74 15.49 -2.35 -9.83
CA TRP C 74 15.83 -1.07 -10.42
C TRP C 74 16.15 -1.24 -11.90
N GLY C 75 15.81 -0.22 -12.68
CA GLY C 75 16.15 -0.22 -14.07
C GLY C 75 17.61 0.13 -14.30
N THR C 76 18.03 0.06 -15.57
CA THR C 76 19.41 0.38 -15.90
C THR C 76 19.73 1.86 -15.73
N ASP C 77 18.73 2.74 -15.82
CA ASP C 77 18.95 4.17 -15.75
C ASP C 77 18.93 4.71 -14.33
N SER C 78 18.76 3.85 -13.33
CA SER C 78 18.73 4.24 -11.92
C SER C 78 17.61 5.20 -11.60
N ARG C 79 16.55 5.20 -12.41
CA ARG C 79 15.44 6.10 -12.12
C ARG C 79 14.11 5.40 -12.08
N LEU C 80 13.91 4.36 -12.87
CA LEU C 80 12.66 3.62 -12.91
C LEU C 80 12.78 2.35 -12.07
N LEU C 81 11.81 2.15 -11.18
CA LEU C 81 11.78 0.96 -10.34
C LEU C 81 10.43 0.28 -10.49
N VAL C 82 10.44 -1.04 -10.33
CA VAL C 82 9.24 -1.85 -10.50
C VAL C 82 9.04 -2.70 -9.27
N SER C 83 7.82 -2.71 -8.74
CA SER C 83 7.51 -3.42 -7.51
C SER C 83 6.20 -4.19 -7.66
N ALA C 84 6.16 -5.38 -7.06
CA ALA C 84 4.99 -6.25 -7.06
C ALA C 84 4.52 -6.41 -5.62
N SER C 85 3.20 -6.42 -5.41
CA SER C 85 2.72 -6.33 -4.03
C SER C 85 1.55 -7.25 -3.75
N GLN C 86 1.45 -8.39 -4.44
CA GLN C 86 0.45 -9.41 -4.13
C GLN C 86 -0.97 -8.85 -4.12
N ASP C 87 -1.15 -7.66 -4.68
CA ASP C 87 -2.47 -7.09 -4.90
C ASP C 87 -2.89 -7.31 -6.35
N GLY C 88 -2.07 -8.02 -7.11
CA GLY C 88 -2.30 -8.22 -8.52
C GLY C 88 -1.87 -7.02 -9.34
N LYS C 89 -0.83 -6.32 -8.91
CA LYS C 89 -0.39 -5.11 -9.59
C LYS C 89 1.12 -5.03 -9.60
N LEU C 90 1.66 -4.58 -10.73
CA LEU C 90 3.09 -4.36 -10.92
C LEU C 90 3.27 -2.90 -11.33
N ILE C 91 3.62 -2.06 -10.36
CA ILE C 91 3.68 -0.62 -10.57
C ILE C 91 5.11 -0.22 -10.91
N ILE C 92 5.29 0.50 -12.01
CA ILE C 92 6.58 1.04 -12.40
C ILE C 92 6.62 2.49 -11.94
N TRP C 93 7.50 2.78 -10.99
CA TRP C 93 7.57 4.09 -10.36
C TRP C 93 8.69 4.92 -10.97
N ASP C 94 8.50 6.24 -10.96
CA ASP C 94 9.54 7.19 -11.32
C ASP C 94 10.13 7.70 -10.01
N SER C 95 11.29 7.19 -9.65
CA SER C 95 11.87 7.47 -8.34
C SER C 95 12.17 8.95 -8.12
N TYR C 96 12.38 9.72 -9.19
CA TYR C 96 12.74 11.12 -9.01
C TYR C 96 11.51 11.96 -8.64
N THR C 97 10.35 11.64 -9.20
CA THR C 97 9.15 12.44 -8.98
C THR C 97 7.99 11.69 -8.36
N THR C 98 8.18 10.42 -7.95
CA THR C 98 7.16 9.63 -7.27
C THR C 98 5.98 9.30 -8.19
N ASN C 99 5.98 9.82 -9.42
CA ASN C 99 4.90 9.59 -10.36
C ASN C 99 4.88 8.13 -10.82
N LYS C 100 3.69 7.63 -11.10
CA LYS C 100 3.51 6.24 -11.50
C LYS C 100 3.49 6.15 -13.03
N VAL C 101 4.51 5.50 -13.59
CA VAL C 101 4.60 5.39 -15.04
C VAL C 101 3.54 4.43 -15.59
N HIS C 102 3.36 3.29 -14.95
CA HIS C 102 2.44 2.26 -15.44
C HIS C 102 1.77 1.57 -14.26
N ALA C 103 0.84 0.69 -14.59
CA ALA C 103 0.15 -0.14 -13.61
C ALA C 103 -0.22 -1.44 -14.32
N ILE C 104 0.59 -2.47 -14.14
CA ILE C 104 0.45 -3.73 -14.86
C ILE C 104 -0.53 -4.63 -14.09
N PRO C 105 -1.67 -4.99 -14.67
CA PRO C 105 -2.57 -5.93 -13.99
C PRO C 105 -2.04 -7.34 -14.10
N LEU C 106 -2.13 -8.08 -12.99
CA LEU C 106 -1.59 -9.42 -12.92
C LEU C 106 -2.70 -10.46 -12.86
N ARG C 107 -2.57 -11.51 -13.68
CA ARG C 107 -3.57 -12.56 -13.70
C ARG C 107 -3.62 -13.31 -12.38
N SER C 108 -2.46 -13.61 -11.82
CA SER C 108 -2.35 -14.27 -10.52
C SER C 108 -1.80 -13.28 -9.51
N SER C 109 -2.51 -13.11 -8.40
CA SER C 109 -2.15 -12.12 -7.40
C SER C 109 -1.18 -12.65 -6.35
N TRP C 110 -0.45 -13.72 -6.66
CA TRP C 110 0.53 -14.29 -5.72
C TRP C 110 1.94 -14.16 -6.24
N VAL C 111 2.27 -12.99 -6.78
CA VAL C 111 3.60 -12.75 -7.34
C VAL C 111 4.63 -12.74 -6.21
N MET C 112 5.68 -13.52 -6.38
CA MET C 112 6.75 -13.62 -5.41
C MET C 112 8.07 -13.04 -5.88
N THR C 113 8.17 -12.62 -7.14
CA THR C 113 9.40 -12.04 -7.65
C THR C 113 9.10 -11.15 -8.84
N CYS C 114 10.01 -10.24 -9.12
CA CYS C 114 9.87 -9.31 -10.23
C CYS C 114 11.25 -8.92 -10.74
N ALA C 115 11.31 -8.51 -12.00
CA ALA C 115 12.59 -8.22 -12.65
C ALA C 115 12.40 -7.14 -13.71
N TYR C 116 13.51 -6.53 -14.09
CA TYR C 116 13.53 -5.49 -15.12
C TYR C 116 14.66 -5.80 -16.10
N ALA C 117 14.35 -5.76 -17.38
CA ALA C 117 15.35 -6.05 -18.39
C ALA C 117 16.39 -4.93 -18.42
N PRO C 118 17.66 -5.26 -18.67
CA PRO C 118 18.68 -4.20 -18.73
C PRO C 118 18.47 -3.22 -19.87
N SER C 119 17.70 -3.59 -20.89
CA SER C 119 17.42 -2.68 -21.98
C SER C 119 16.28 -1.73 -21.66
N GLY C 120 15.53 -1.98 -20.59
CA GLY C 120 14.42 -1.14 -20.22
C GLY C 120 13.15 -1.39 -20.99
N ASN C 121 13.07 -2.47 -21.76
CA ASN C 121 11.89 -2.74 -22.59
C ASN C 121 10.94 -3.76 -21.97
N TYR C 122 11.40 -4.61 -21.06
CA TYR C 122 10.56 -5.68 -20.53
C TYR C 122 10.65 -5.72 -19.01
N VAL C 123 9.57 -6.21 -18.40
CA VAL C 123 9.51 -6.48 -16.96
C VAL C 123 8.93 -7.87 -16.77
N ALA C 124 9.52 -8.63 -15.85
CA ALA C 124 9.10 -10.00 -15.59
C ALA C 124 8.55 -10.12 -14.18
N CYS C 125 7.74 -11.15 -13.98
CA CYS C 125 7.17 -11.43 -12.67
C CYS C 125 6.79 -12.89 -12.62
N GLY C 126 6.61 -13.40 -11.40
CA GLY C 126 6.22 -14.78 -11.22
C GLY C 126 5.89 -15.03 -9.76
N GLY C 127 5.31 -16.20 -9.53
CA GLY C 127 4.93 -16.57 -8.18
C GLY C 127 4.49 -18.00 -8.04
N LEU C 128 3.46 -18.24 -7.23
CA LEU C 128 2.96 -19.58 -7.00
C LEU C 128 2.32 -20.18 -8.24
N ASP C 129 2.08 -19.39 -9.28
CA ASP C 129 1.48 -19.90 -10.51
C ASP C 129 2.45 -20.71 -11.35
N ASN C 130 3.72 -20.81 -10.92
CA ASN C 130 4.76 -21.52 -11.65
C ASN C 130 5.02 -20.92 -13.03
N ILE C 131 4.65 -19.66 -13.22
CA ILE C 131 4.70 -19.03 -14.53
C ILE C 131 5.49 -17.74 -14.42
N CYS C 132 6.46 -17.56 -15.30
CA CYS C 132 7.24 -16.33 -15.40
C CYS C 132 6.66 -15.51 -16.53
N SER C 133 5.92 -14.46 -16.18
CA SER C 133 5.23 -13.63 -17.16
C SER C 133 6.16 -12.50 -17.60
N ILE C 134 6.48 -12.48 -18.89
CA ILE C 134 7.27 -11.41 -19.47
C ILE C 134 6.33 -10.38 -20.08
N TYR C 135 6.46 -9.13 -19.65
CA TYR C 135 5.60 -8.05 -20.09
C TYR C 135 6.36 -7.10 -21.00
N ASN C 136 5.67 -6.57 -22.01
CA ASN C 136 6.26 -5.66 -22.97
C ASN C 136 5.81 -4.23 -22.65
N LEU C 137 6.75 -3.33 -22.42
CA LEU C 137 6.43 -1.96 -22.06
C LEU C 137 6.40 -1.02 -23.24
N LYS C 138 7.27 -1.23 -24.23
CA LYS C 138 7.34 -0.38 -25.41
C LYS C 138 6.51 -1.01 -26.52
N THR C 139 5.20 -0.80 -26.44
CA THR C 139 4.26 -1.30 -27.44
C THR C 139 3.58 -0.11 -28.11
N ARG C 140 3.31 -0.26 -29.41
CA ARG C 140 2.64 0.81 -30.15
C ARG C 140 1.24 1.07 -29.63
N GLU C 141 0.58 0.06 -29.05
CA GLU C 141 -0.76 0.23 -28.52
C GLU C 141 -0.80 1.09 -27.27
N GLY C 142 0.32 1.27 -26.59
CA GLY C 142 0.37 2.09 -25.40
C GLY C 142 0.13 1.36 -24.09
N ASN C 143 -0.41 0.15 -24.13
CA ASN C 143 -0.66 -0.63 -22.93
C ASN C 143 0.34 -1.77 -22.85
N VAL C 144 0.56 -2.25 -21.63
CA VAL C 144 1.50 -3.32 -21.35
C VAL C 144 0.81 -4.65 -21.62
N ARG C 145 1.39 -5.44 -22.51
CA ARG C 145 0.85 -6.74 -22.89
C ARG C 145 1.79 -7.85 -22.45
N VAL C 146 1.26 -9.07 -22.43
CA VAL C 146 2.04 -10.24 -22.06
C VAL C 146 2.74 -10.76 -23.30
N SER C 147 4.06 -10.61 -23.36
CA SER C 147 4.79 -11.08 -24.52
C SER C 147 4.91 -12.59 -24.55
N ARG C 148 5.15 -13.21 -23.40
CA ARG C 148 5.29 -14.66 -23.34
C ARG C 148 5.07 -15.11 -21.90
N GLU C 149 4.39 -16.24 -21.75
CA GLU C 149 4.15 -16.85 -20.44
C GLU C 149 4.97 -18.13 -20.38
N LEU C 150 6.16 -18.03 -19.82
CA LEU C 150 7.07 -19.17 -19.72
C LEU C 150 6.52 -20.17 -18.70
N ALA C 151 6.38 -21.42 -19.12
CA ALA C 151 5.85 -22.48 -18.27
C ALA C 151 6.74 -23.70 -18.34
N GLY C 152 6.67 -24.51 -17.30
CA GLY C 152 7.47 -25.73 -17.25
C GLY C 152 7.98 -26.07 -15.87
N HIS C 153 7.99 -25.09 -14.96
CA HIS C 153 8.48 -25.33 -13.61
C HIS C 153 7.37 -25.93 -12.76
N THR C 154 7.70 -27.01 -12.05
CA THR C 154 6.76 -27.65 -11.16
C THR C 154 6.53 -26.86 -9.87
N GLY C 155 7.59 -26.31 -9.28
CA GLY C 155 7.48 -25.56 -8.05
C GLY C 155 7.31 -24.07 -8.29
N TYR C 156 7.10 -23.36 -7.19
CA TYR C 156 6.85 -21.93 -7.26
C TYR C 156 8.11 -21.17 -7.66
N LEU C 157 7.92 -20.14 -8.47
CA LEU C 157 9.04 -19.30 -8.90
C LEU C 157 9.44 -18.36 -7.77
N SER C 158 10.75 -18.26 -7.53
CA SER C 158 11.24 -17.46 -6.43
C SER C 158 11.97 -16.20 -6.84
N CYS C 159 12.70 -16.23 -7.95
CA CYS C 159 13.36 -15.04 -8.44
C CYS C 159 13.63 -15.16 -9.92
N CYS C 160 13.50 -14.04 -10.63
CA CYS C 160 13.77 -13.98 -12.06
C CYS C 160 14.69 -12.81 -12.33
N ARG C 161 15.60 -12.99 -13.28
CA ARG C 161 16.55 -11.95 -13.65
C ARG C 161 16.79 -12.01 -15.16
N PHE C 162 16.96 -10.86 -15.77
CA PHE C 162 17.13 -10.79 -17.22
C PHE C 162 18.60 -10.77 -17.59
N LEU C 163 18.99 -11.65 -18.52
CA LEU C 163 20.33 -11.59 -19.10
C LEU C 163 20.37 -10.58 -20.22
N ASP C 164 19.42 -10.65 -21.13
CA ASP C 164 19.25 -9.69 -22.21
C ASP C 164 17.76 -9.64 -22.52
N ASP C 165 17.41 -9.09 -23.68
CA ASP C 165 16.00 -8.99 -24.04
C ASP C 165 15.43 -10.30 -24.54
N ASN C 166 16.25 -11.34 -24.70
CA ASN C 166 15.79 -12.63 -25.20
C ASN C 166 16.11 -13.79 -24.26
N GLN C 167 16.62 -13.51 -23.06
CA GLN C 167 17.00 -14.59 -22.15
C GLN C 167 16.71 -14.17 -20.71
N ILE C 168 16.12 -15.08 -19.94
CA ILE C 168 15.81 -14.86 -18.53
C ILE C 168 16.15 -16.12 -17.76
N VAL C 169 16.75 -15.96 -16.60
CA VAL C 169 17.13 -17.07 -15.74
C VAL C 169 16.24 -17.04 -14.50
N THR C 170 15.57 -18.15 -14.23
CA THR C 170 14.59 -18.23 -13.16
C THR C 170 14.90 -19.41 -12.24
N SER C 171 14.63 -19.20 -10.95
CA SER C 171 14.82 -20.22 -9.94
C SER C 171 13.48 -20.53 -9.29
N SER C 172 13.16 -21.82 -9.19
CA SER C 172 11.86 -22.24 -8.70
C SER C 172 12.02 -23.09 -7.45
N GLY C 173 10.88 -23.47 -6.88
CA GLY C 173 10.80 -24.30 -5.71
C GLY C 173 10.93 -25.78 -5.94
N ASP C 174 11.06 -26.20 -7.20
CA ASP C 174 11.25 -27.61 -7.54
C ASP C 174 12.71 -28.01 -7.53
N THR C 175 13.54 -27.30 -6.76
CA THR C 175 14.97 -27.58 -6.61
C THR C 175 15.72 -27.46 -7.93
N THR C 176 15.25 -26.59 -8.82
CA THR C 176 15.88 -26.41 -10.12
C THR C 176 15.99 -24.93 -10.47
N CYS C 177 17.00 -24.61 -11.27
CA CYS C 177 17.15 -23.31 -11.89
C CYS C 177 17.14 -23.51 -13.40
N ALA C 178 16.50 -22.57 -14.11
CA ALA C 178 16.30 -22.72 -15.55
C ALA C 178 16.67 -21.45 -16.28
N LEU C 179 17.19 -21.64 -17.49
CA LEU C 179 17.46 -20.55 -18.42
C LEU C 179 16.48 -20.64 -19.57
N TRP C 180 15.82 -19.54 -19.88
CA TRP C 180 14.75 -19.52 -20.86
C TRP C 180 15.13 -18.68 -22.07
N ASP C 181 14.50 -19.00 -23.20
CA ASP C 181 14.57 -18.19 -24.41
C ASP C 181 13.17 -17.61 -24.64
N ILE C 182 13.02 -16.30 -24.46
CA ILE C 182 11.69 -15.70 -24.44
C ILE C 182 11.01 -15.82 -25.80
N GLU C 183 11.79 -15.77 -26.88
CA GLU C 183 11.18 -15.90 -28.20
C GLU C 183 10.60 -17.29 -28.41
N THR C 184 11.39 -18.33 -28.13
CA THR C 184 10.93 -19.70 -28.31
C THR C 184 10.00 -20.14 -27.19
N GLY C 185 10.28 -19.72 -25.96
CA GLY C 185 9.48 -20.13 -24.82
C GLY C 185 9.87 -21.46 -24.22
N GLN C 186 11.00 -22.04 -24.61
CA GLN C 186 11.44 -23.34 -24.13
C GLN C 186 12.66 -23.20 -23.25
N GLN C 187 12.79 -24.12 -22.30
CA GLN C 187 13.90 -24.13 -21.35
C GLN C 187 15.16 -24.56 -22.08
N THR C 188 16.03 -23.59 -22.37
CA THR C 188 17.27 -23.91 -23.08
C THR C 188 18.16 -24.82 -22.24
N THR C 189 18.29 -24.53 -20.96
CA THR C 189 19.11 -25.35 -20.06
C THR C 189 18.44 -25.41 -18.70
N THR C 190 18.47 -26.60 -18.09
CA THR C 190 17.93 -26.78 -16.75
C THR C 190 19.08 -27.11 -15.81
N PHE C 191 19.20 -26.35 -14.72
CA PHE C 191 20.26 -26.53 -13.75
C PHE C 191 19.70 -27.32 -12.58
N THR C 192 20.28 -28.49 -12.33
CA THR C 192 19.90 -29.35 -11.22
C THR C 192 21.09 -29.55 -10.31
N GLY C 193 20.80 -30.00 -9.09
CA GLY C 193 21.84 -30.24 -8.12
C GLY C 193 21.43 -29.86 -6.72
N HIS C 194 20.39 -29.05 -6.61
CA HIS C 194 19.91 -28.61 -5.31
C HIS C 194 18.98 -29.66 -4.71
N THR C 195 19.11 -29.87 -3.40
CA THR C 195 18.24 -30.76 -2.66
C THR C 195 16.98 -30.05 -2.13
N GLY C 196 17.08 -28.75 -1.83
CA GLY C 196 15.94 -28.00 -1.36
C GLY C 196 15.53 -26.95 -2.37
N ASP C 197 14.51 -26.18 -1.99
CA ASP C 197 13.98 -25.15 -2.87
C ASP C 197 14.98 -24.02 -3.05
N VAL C 198 15.16 -23.59 -4.29
CA VAL C 198 16.02 -22.44 -4.59
C VAL C 198 15.23 -21.17 -4.32
N MET C 199 15.80 -20.27 -3.52
CA MET C 199 15.06 -19.11 -3.04
C MET C 199 15.51 -17.79 -3.63
N SER C 200 16.77 -17.63 -4.04
CA SER C 200 17.19 -16.36 -4.60
C SER C 200 18.43 -16.56 -5.46
N LEU C 201 18.50 -15.79 -6.55
CA LEU C 201 19.65 -15.85 -7.43
C LEU C 201 20.09 -14.44 -7.81
N SER C 202 21.38 -14.30 -8.09
CA SER C 202 21.99 -13.04 -8.49
C SER C 202 22.93 -13.28 -9.65
N LEU C 203 22.85 -12.44 -10.67
CA LEU C 203 23.65 -12.59 -11.86
C LEU C 203 24.96 -11.83 -11.73
N ALA C 204 26.00 -12.35 -12.37
CA ALA C 204 27.27 -11.67 -12.39
C ALA C 204 27.18 -10.42 -13.26
N PRO C 205 28.00 -9.40 -12.99
CA PRO C 205 27.99 -8.22 -13.85
C PRO C 205 28.32 -8.54 -15.30
N ASP C 206 29.18 -9.53 -15.52
CA ASP C 206 29.58 -9.96 -16.85
C ASP C 206 28.62 -10.96 -17.47
N THR C 207 27.56 -11.34 -16.75
CA THR C 207 26.42 -12.11 -17.25
C THR C 207 26.80 -13.49 -17.80
N ARG C 208 27.85 -14.12 -17.28
CA ARG C 208 28.15 -15.50 -17.66
C ARG C 208 27.98 -16.50 -16.52
N LEU C 209 27.83 -16.02 -15.29
CA LEU C 209 27.66 -16.89 -14.13
C LEU C 209 26.57 -16.32 -13.24
N PHE C 210 26.00 -17.20 -12.41
CA PHE C 210 24.98 -16.78 -11.46
C PHE C 210 24.97 -17.74 -10.27
N VAL C 211 24.75 -17.18 -9.08
CA VAL C 211 24.68 -17.95 -7.85
C VAL C 211 23.22 -18.14 -7.47
N SER C 212 22.93 -19.27 -6.83
CA SER C 212 21.59 -19.57 -6.35
C SER C 212 21.68 -20.13 -4.95
N GLY C 213 20.88 -19.58 -4.04
CA GLY C 213 20.82 -20.03 -2.66
C GLY C 213 19.56 -20.84 -2.43
N ALA C 214 19.72 -22.01 -1.81
CA ALA C 214 18.63 -22.95 -1.63
C ALA C 214 18.35 -23.16 -0.15
N CYS C 215 17.23 -23.85 0.10
CA CYS C 215 16.78 -24.18 1.45
C CYS C 215 17.69 -25.18 2.13
N ASP C 216 18.56 -25.86 1.40
CA ASP C 216 19.47 -26.85 1.97
C ASP C 216 20.70 -26.22 2.60
N ALA C 217 20.68 -24.91 2.87
CA ALA C 217 21.78 -24.20 3.49
C ALA C 217 23.05 -24.26 2.66
N SER C 218 22.94 -24.01 1.36
CA SER C 218 24.10 -24.03 0.48
C SER C 218 23.91 -23.03 -0.64
N ALA C 219 25.03 -22.54 -1.18
CA ALA C 219 25.05 -21.62 -2.29
C ALA C 219 25.87 -22.23 -3.42
N LYS C 220 25.32 -22.20 -4.63
CA LYS C 220 25.95 -22.85 -5.77
C LYS C 220 26.18 -21.86 -6.90
N LEU C 221 27.35 -21.96 -7.52
CA LEU C 221 27.72 -21.18 -8.68
C LEU C 221 27.42 -22.02 -9.92
N TRP C 222 26.80 -21.41 -10.92
CA TRP C 222 26.46 -22.08 -12.16
C TRP C 222 27.11 -21.38 -13.33
N ASP C 223 27.40 -22.15 -14.38
CA ASP C 223 27.85 -21.59 -15.65
C ASP C 223 26.66 -21.57 -16.60
N VAL C 224 26.36 -20.39 -17.15
CA VAL C 224 25.14 -20.23 -17.93
C VAL C 224 25.20 -21.07 -19.20
N ARG C 225 26.30 -20.98 -19.94
CA ARG C 225 26.40 -21.69 -21.21
C ARG C 225 26.62 -23.19 -20.99
N GLU C 226 27.51 -23.54 -20.06
CA GLU C 226 27.85 -24.96 -19.87
C GLU C 226 26.76 -25.73 -19.15
N GLY C 227 25.95 -25.05 -18.34
CA GLY C 227 24.89 -25.73 -17.62
C GLY C 227 25.37 -26.72 -16.59
N MET C 228 26.48 -26.42 -15.91
CA MET C 228 27.05 -27.31 -14.92
C MET C 228 27.46 -26.52 -13.69
N CYS C 229 27.15 -27.06 -12.52
CA CYS C 229 27.53 -26.44 -11.27
C CYS C 229 29.04 -26.50 -11.10
N ARG C 230 29.66 -25.35 -10.89
CA ARG C 230 31.11 -25.29 -10.78
C ARG C 230 31.59 -25.48 -9.34
N GLN C 231 30.90 -24.86 -8.38
CA GLN C 231 31.29 -24.95 -6.98
C GLN C 231 30.05 -24.98 -6.11
N THR C 232 30.22 -25.52 -4.91
CA THR C 232 29.19 -25.47 -3.87
C THR C 232 29.77 -24.75 -2.67
N PHE C 233 28.93 -23.98 -1.98
CA PHE C 233 29.35 -23.22 -0.81
C PHE C 233 28.42 -23.56 0.34
N THR C 234 28.97 -24.10 1.41
CA THR C 234 28.22 -24.47 2.59
C THR C 234 28.70 -23.65 3.78
N GLY C 235 28.14 -23.94 4.95
CA GLY C 235 28.51 -23.25 6.16
C GLY C 235 27.31 -22.73 6.91
N HIS C 236 26.23 -22.43 6.19
CA HIS C 236 25.04 -21.91 6.83
C HIS C 236 24.32 -23.00 7.61
N GLU C 237 23.43 -22.58 8.49
CA GLU C 237 22.66 -23.50 9.31
C GLU C 237 21.17 -23.49 9.00
N SER C 238 20.69 -22.56 8.17
CA SER C 238 19.28 -22.46 7.86
C SER C 238 19.13 -22.13 6.37
N ASP C 239 17.92 -21.76 5.99
CA ASP C 239 17.61 -21.50 4.59
C ASP C 239 18.23 -20.19 4.12
N ILE C 240 18.74 -20.19 2.90
CA ILE C 240 19.29 -18.98 2.28
C ILE C 240 18.16 -18.27 1.54
N ASN C 241 17.77 -17.09 2.03
CA ASN C 241 16.66 -16.36 1.45
C ASN C 241 17.09 -15.21 0.56
N ALA C 242 18.38 -14.92 0.46
CA ALA C 242 18.84 -13.79 -0.35
C ALA C 242 20.25 -14.06 -0.83
N ILE C 243 20.62 -13.38 -1.92
CA ILE C 243 21.95 -13.54 -2.50
C ILE C 243 22.25 -12.29 -3.32
N CYS C 244 23.53 -11.96 -3.45
CA CYS C 244 23.94 -10.79 -4.22
C CYS C 244 25.44 -10.84 -4.50
N PHE C 245 25.80 -10.72 -5.77
CA PHE C 245 27.19 -10.63 -6.17
C PHE C 245 27.85 -9.33 -5.74
N PHE C 246 29.13 -9.42 -5.42
CA PHE C 246 29.95 -8.24 -5.24
C PHE C 246 30.12 -7.55 -6.59
N PRO C 247 30.16 -6.18 -6.61
CA PRO C 247 30.36 -5.59 -7.93
C PRO C 247 31.53 -6.18 -8.71
N ASN C 248 32.65 -6.47 -8.04
CA ASN C 248 33.81 -6.97 -8.76
C ASN C 248 33.52 -8.30 -9.45
N GLY C 249 32.60 -9.09 -8.91
CA GLY C 249 32.28 -10.38 -9.48
C GLY C 249 33.06 -11.54 -8.93
N ASN C 250 33.98 -11.31 -8.00
CA ASN C 250 34.76 -12.38 -7.40
C ASN C 250 34.26 -12.79 -6.02
N ALA C 251 33.09 -12.30 -5.60
CA ALA C 251 32.54 -12.65 -4.30
C ALA C 251 31.05 -12.41 -4.30
N PHE C 252 30.35 -13.01 -3.35
CA PHE C 252 28.93 -12.80 -3.21
C PHE C 252 28.52 -13.01 -1.77
N ALA C 253 27.42 -12.36 -1.38
CA ALA C 253 26.93 -12.37 -0.02
C ALA C 253 25.63 -13.14 0.06
N THR C 254 25.42 -13.84 1.17
CA THR C 254 24.26 -14.69 1.36
C THR C 254 23.47 -14.24 2.58
N GLY C 255 22.17 -14.43 2.53
CA GLY C 255 21.32 -14.14 3.67
C GLY C 255 20.57 -15.37 4.11
N SER C 256 20.56 -15.64 5.41
CA SER C 256 19.97 -16.86 5.93
C SER C 256 18.80 -16.52 6.85
N ASP C 257 18.16 -17.56 7.39
CA ASP C 257 17.19 -17.38 8.44
C ASP C 257 17.80 -17.51 9.83
N ASP C 258 19.08 -17.87 9.90
CA ASP C 258 19.81 -17.94 11.15
C ASP C 258 20.39 -16.60 11.59
N ALA C 259 19.87 -15.50 11.03
CA ALA C 259 20.23 -14.13 11.39
C ALA C 259 21.67 -13.78 11.07
N THR C 260 22.31 -14.49 10.14
CA THR C 260 23.69 -14.21 9.78
C THR C 260 23.81 -14.04 8.27
N CYS C 261 24.47 -12.96 7.86
CA CYS C 261 24.82 -12.74 6.47
C CYS C 261 26.28 -13.13 6.29
N ARG C 262 26.58 -13.86 5.21
CA ARG C 262 27.90 -14.40 4.98
C ARG C 262 28.41 -14.01 3.60
N LEU C 263 29.72 -13.76 3.53
CA LEU C 263 30.38 -13.39 2.28
C LEU C 263 31.36 -14.49 1.90
N PHE C 264 31.20 -15.02 0.69
CA PHE C 264 32.06 -16.07 0.17
C PHE C 264 32.86 -15.55 -1.01
N ASP C 265 34.05 -16.10 -1.22
CA ASP C 265 34.90 -15.71 -2.33
C ASP C 265 34.90 -16.81 -3.38
N LEU C 266 34.74 -16.41 -4.65
CA LEU C 266 34.67 -17.38 -5.72
C LEU C 266 35.99 -18.11 -5.91
N ARG C 267 37.09 -17.36 -6.02
CA ARG C 267 38.39 -17.98 -6.26
C ARG C 267 38.83 -18.83 -5.07
N ALA C 268 38.60 -18.36 -3.86
CA ALA C 268 38.97 -19.12 -2.66
C ALA C 268 38.05 -20.30 -2.39
N ASP C 269 36.81 -20.26 -2.89
CA ASP C 269 35.87 -21.36 -2.72
C ASP C 269 35.63 -21.69 -1.25
N GLN C 270 35.56 -20.67 -0.40
CA GLN C 270 35.42 -20.88 1.03
C GLN C 270 34.89 -19.60 1.68
N GLU C 271 34.52 -19.72 2.94
CA GLU C 271 34.02 -18.60 3.72
C GLU C 271 35.11 -17.57 3.95
N LEU C 272 34.71 -16.30 4.00
CA LEU C 272 35.63 -15.20 4.27
C LEU C 272 35.29 -14.45 5.55
N MET C 273 34.03 -14.02 5.72
CA MET C 273 33.66 -13.28 6.91
C MET C 273 32.17 -13.45 7.17
N THR C 274 31.82 -13.56 8.45
CA THR C 274 30.44 -13.73 8.89
C THR C 274 29.93 -12.43 9.50
N TYR C 275 28.75 -12.00 9.05
CA TYR C 275 28.13 -10.78 9.53
C TYR C 275 26.96 -11.16 10.44
N SER C 276 27.13 -10.96 11.75
CA SER C 276 26.10 -11.27 12.72
C SER C 276 26.29 -10.39 13.95
N HIS C 277 25.19 -10.24 14.70
CA HIS C 277 25.20 -9.47 15.93
C HIS C 277 24.34 -10.18 16.95
N ASP C 278 24.71 -10.05 18.22
CA ASP C 278 24.00 -10.74 19.29
C ASP C 278 22.55 -10.29 19.39
N ASN C 279 22.31 -8.98 19.28
CA ASN C 279 20.96 -8.46 19.38
C ASN C 279 20.11 -8.77 18.15
N ILE C 280 20.72 -9.27 17.08
CA ILE C 280 20.01 -9.59 15.84
C ILE C 280 19.61 -11.06 15.90
N ILE C 281 18.31 -11.33 15.94
CA ILE C 281 17.82 -12.69 16.02
C ILE C 281 16.91 -13.07 14.86
N CYS C 282 16.39 -12.10 14.10
CA CYS C 282 15.54 -12.40 12.97
C CYS C 282 16.38 -12.63 11.72
N GLY C 283 15.77 -13.29 10.74
CA GLY C 283 16.48 -13.65 9.53
C GLY C 283 16.64 -12.47 8.59
N ILE C 284 17.33 -12.73 7.48
CA ILE C 284 17.57 -11.75 6.43
C ILE C 284 16.72 -12.11 5.22
N THR C 285 15.95 -11.13 4.73
CA THR C 285 15.08 -11.34 3.57
C THR C 285 15.76 -10.97 2.26
N SER C 286 16.39 -9.79 2.19
CA SER C 286 17.07 -9.39 0.97
C SER C 286 18.43 -8.81 1.32
N VAL C 287 19.37 -8.95 0.38
CA VAL C 287 20.73 -8.45 0.55
C VAL C 287 21.20 -7.83 -0.76
N SER C 288 21.82 -6.66 -0.66
CA SER C 288 22.34 -5.98 -1.84
C SER C 288 23.56 -5.16 -1.45
N PHE C 289 24.63 -5.28 -2.24
CA PHE C 289 25.84 -4.52 -2.04
C PHE C 289 25.69 -3.11 -2.58
N SER C 290 26.62 -2.25 -2.19
CA SER C 290 26.63 -0.89 -2.69
C SER C 290 27.46 -0.81 -3.97
N LYS C 291 27.66 0.41 -4.48
CA LYS C 291 28.40 0.59 -5.72
C LYS C 291 29.86 0.17 -5.56
N SER C 292 30.51 0.58 -4.48
CA SER C 292 31.90 0.28 -4.26
C SER C 292 32.12 -1.05 -3.54
N GLY C 293 31.05 -1.68 -3.08
CA GLY C 293 31.18 -2.93 -2.37
C GLY C 293 31.57 -2.80 -0.92
N ARG C 294 31.70 -1.57 -0.41
CA ARG C 294 32.08 -1.40 0.98
C ARG C 294 30.90 -1.64 1.91
N LEU C 295 29.70 -1.24 1.51
CA LEU C 295 28.51 -1.41 2.32
C LEU C 295 27.74 -2.64 1.84
N LEU C 296 27.35 -3.49 2.79
CA LEU C 296 26.55 -4.68 2.51
C LEU C 296 25.18 -4.49 3.15
N LEU C 297 24.28 -3.84 2.43
CA LEU C 297 22.94 -3.57 2.91
C LEU C 297 22.14 -4.85 3.02
N ALA C 298 21.50 -5.06 4.16
CA ALA C 298 20.73 -6.27 4.42
C ALA C 298 19.45 -5.90 5.14
N GLY C 299 18.34 -6.43 4.65
CA GLY C 299 17.03 -6.21 5.26
C GLY C 299 16.64 -7.38 6.13
N TYR C 300 16.13 -7.08 7.31
CA TYR C 300 15.78 -8.09 8.29
C TYR C 300 14.28 -8.09 8.53
N ASP C 301 13.84 -9.02 9.37
CA ASP C 301 12.43 -9.12 9.75
C ASP C 301 12.07 -8.27 10.95
N ASP C 302 13.05 -7.67 11.64
CA ASP C 302 12.77 -6.81 12.77
C ASP C 302 12.42 -5.39 12.36
N PHE C 303 11.95 -5.22 11.13
CA PHE C 303 11.37 -4.02 10.54
C PHE C 303 12.41 -2.99 10.11
N ASN C 304 13.70 -3.29 10.14
CA ASN C 304 14.70 -2.34 9.70
C ASN C 304 15.77 -3.01 8.87
N CYS C 305 16.41 -2.22 8.02
CA CYS C 305 17.54 -2.66 7.21
C CYS C 305 18.83 -2.17 7.84
N ASN C 306 19.79 -3.06 8.00
CA ASN C 306 21.04 -2.76 8.68
C ASN C 306 22.17 -2.64 7.66
N VAL C 307 22.98 -1.60 7.80
CA VAL C 307 24.12 -1.38 6.92
C VAL C 307 25.35 -2.03 7.56
N TRP C 308 26.00 -2.90 6.81
CA TRP C 308 27.15 -3.66 7.30
C TRP C 308 28.42 -3.24 6.58
N ASP C 309 29.48 -3.06 7.33
CA ASP C 309 30.81 -2.83 6.76
C ASP C 309 31.29 -4.13 6.14
N ALA C 310 31.32 -4.18 4.80
CA ALA C 310 31.62 -5.44 4.12
C ALA C 310 33.05 -5.91 4.36
N LEU C 311 33.91 -5.06 4.89
CA LEU C 311 35.30 -5.43 5.14
C LEU C 311 35.66 -5.50 6.62
N LYS C 312 34.75 -5.13 7.53
CA LYS C 312 35.08 -5.15 8.94
C LYS C 312 34.01 -5.76 9.83
N ALA C 313 32.89 -6.24 9.29
CA ALA C 313 31.82 -6.86 10.07
C ALA C 313 31.33 -5.96 11.19
N ASP C 314 31.24 -4.66 10.91
CA ASP C 314 30.81 -3.68 11.89
C ASP C 314 29.53 -3.01 11.40
N ARG C 315 28.51 -3.00 12.24
CA ARG C 315 27.24 -2.37 11.89
C ARG C 315 27.44 -0.86 11.78
N ALA C 316 27.35 -0.35 10.55
CA ALA C 316 27.61 1.05 10.30
C ALA C 316 26.36 1.93 10.35
N GLY C 317 25.17 1.34 10.49
CA GLY C 317 23.97 2.14 10.55
C GLY C 317 22.74 1.27 10.48
N VAL C 318 21.59 1.92 10.66
CA VAL C 318 20.29 1.24 10.69
C VAL C 318 19.29 2.08 9.93
N LEU C 319 18.48 1.43 9.10
CA LEU C 319 17.48 2.08 8.28
C LEU C 319 16.12 1.66 8.82
N ALA C 320 15.64 2.38 9.83
CA ALA C 320 14.41 2.00 10.53
C ALA C 320 13.33 3.03 10.23
N GLY C 321 12.47 2.70 9.27
CA GLY C 321 11.34 3.56 8.98
C GLY C 321 10.09 2.78 8.62
N HIS C 322 10.17 1.46 8.65
CA HIS C 322 9.09 0.60 8.21
C HIS C 322 8.36 0.00 9.40
N ASP C 323 7.06 -0.23 9.22
CA ASP C 323 6.22 -0.78 10.26
C ASP C 323 6.08 -2.29 10.18
N ASN C 324 6.69 -2.94 9.19
CA ASN C 324 6.58 -4.38 9.03
C ASN C 324 7.88 -4.91 8.45
N ARG C 325 7.86 -6.16 8.02
CA ARG C 325 9.09 -6.82 7.57
C ARG C 325 9.56 -6.26 6.24
N VAL C 326 10.87 -6.03 6.13
CA VAL C 326 11.46 -5.53 4.89
C VAL C 326 11.64 -6.74 3.97
N SER C 327 11.02 -6.69 2.79
CA SER C 327 11.05 -7.82 1.88
C SER C 327 11.78 -7.52 0.57
N CYS C 328 12.17 -6.28 0.33
CA CYS C 328 12.85 -5.91 -0.90
C CYS C 328 14.03 -5.01 -0.59
N LEU C 329 14.99 -4.99 -1.50
CA LEU C 329 16.14 -4.11 -1.37
C LEU C 329 16.78 -3.97 -2.75
N GLY C 330 17.38 -2.82 -2.99
CA GLY C 330 18.06 -2.58 -4.25
C GLY C 330 18.87 -1.30 -4.25
N VAL C 331 20.12 -1.38 -4.68
CA VAL C 331 20.99 -0.22 -4.84
C VAL C 331 21.05 0.11 -6.33
N THR C 332 20.89 1.39 -6.65
CA THR C 332 20.88 1.80 -8.04
C THR C 332 22.22 1.52 -8.70
N ASP C 333 22.20 1.47 -10.03
CA ASP C 333 23.41 1.12 -10.78
C ASP C 333 24.53 2.13 -10.53
N ASP C 334 24.18 3.40 -10.39
CA ASP C 334 25.17 4.43 -10.13
C ASP C 334 25.48 4.63 -8.65
N GLY C 335 24.79 3.90 -7.77
CA GLY C 335 24.99 4.08 -6.34
C GLY C 335 24.34 5.32 -5.76
N MET C 336 23.45 5.96 -6.51
CA MET C 336 22.85 7.21 -6.04
C MET C 336 21.98 7.00 -4.82
N ALA C 337 21.14 5.97 -4.82
CA ALA C 337 20.19 5.77 -3.74
C ALA C 337 19.90 4.29 -3.57
N VAL C 338 19.34 3.94 -2.42
CA VAL C 338 18.92 2.58 -2.11
C VAL C 338 17.42 2.57 -1.94
N ALA C 339 16.79 1.45 -2.26
CA ALA C 339 15.35 1.30 -2.20
C ALA C 339 15.00 0.13 -1.28
N THR C 340 13.99 0.33 -0.45
CA THR C 340 13.59 -0.68 0.52
C THR C 340 12.09 -0.89 0.42
N GLY C 341 11.68 -2.13 0.19
CA GLY C 341 10.29 -2.50 0.16
C GLY C 341 9.92 -3.34 1.35
N SER C 342 8.73 -3.09 1.91
CA SER C 342 8.28 -3.81 3.09
C SER C 342 6.82 -4.18 2.93
N TRP C 343 6.35 -5.05 3.82
CA TRP C 343 4.99 -5.57 3.72
C TRP C 343 3.92 -4.53 4.02
N ASP C 344 4.30 -3.35 4.49
CA ASP C 344 3.33 -2.31 4.79
C ASP C 344 2.84 -1.57 3.54
N SER C 345 3.07 -2.15 2.36
CA SER C 345 2.72 -1.53 1.08
C SER C 345 3.40 -0.17 0.91
N PHE C 346 4.68 -0.09 1.27
CA PHE C 346 5.43 1.15 1.14
C PHE C 346 6.83 0.86 0.63
N LEU C 347 7.25 1.65 -0.35
CA LEU C 347 8.62 1.67 -0.83
C LEU C 347 9.24 3.00 -0.46
N LYS C 348 10.40 2.97 0.19
CA LYS C 348 11.07 4.19 0.60
C LYS C 348 12.44 4.25 -0.06
N ILE C 349 12.75 5.41 -0.64
CA ILE C 349 14.04 5.66 -1.26
C ILE C 349 14.93 6.33 -0.22
N TRP C 350 16.13 5.80 -0.04
CA TRP C 350 17.05 6.33 0.96
C TRP C 350 18.31 6.86 0.30
N ASN C 351 18.92 7.86 0.90
CA ASN C 351 20.14 8.46 0.36
C ASN C 351 20.96 8.95 1.54
N GLY C 352 22.26 9.06 1.35
CA GLY C 352 23.14 9.52 2.42
C GLY C 352 23.16 11.01 2.53
N SER C 353 22.95 11.53 3.73
CA SER C 353 22.94 12.97 3.94
C SER C 353 24.29 13.59 3.68
N SER C 354 24.32 14.65 2.88
CA SER C 354 25.57 15.32 2.55
C SER C 354 26.39 15.65 3.78
N ALA D 7 17.39 -47.20 -9.07
CA ALA D 7 17.26 -47.31 -7.62
C ALA D 7 18.34 -46.49 -6.92
N SER D 8 18.40 -45.20 -7.26
CA SER D 8 19.31 -44.19 -6.70
C SER D 8 20.76 -44.43 -7.11
N ILE D 9 21.07 -45.50 -7.86
CA ILE D 9 22.43 -45.73 -8.31
C ILE D 9 22.86 -44.64 -9.28
N ALA D 10 21.98 -44.27 -10.21
CA ALA D 10 22.30 -43.20 -11.15
C ALA D 10 22.48 -41.87 -10.42
N GLN D 11 21.65 -41.61 -9.40
CA GLN D 11 21.80 -40.40 -8.61
C GLN D 11 23.14 -40.37 -7.89
N ALA D 12 23.55 -41.50 -7.32
CA ALA D 12 24.83 -41.57 -6.64
C ALA D 12 25.99 -41.38 -7.62
N ARG D 13 25.89 -41.96 -8.80
CA ARG D 13 26.92 -41.77 -9.81
C ARG D 13 27.01 -40.30 -10.25
N LYS D 14 25.85 -39.65 -10.42
CA LYS D 14 25.85 -38.24 -10.76
C LYS D 14 26.48 -37.42 -9.64
N LEU D 15 26.18 -37.75 -8.39
CA LEU D 15 26.74 -37.02 -7.26
C LEU D 15 28.26 -37.18 -7.21
N VAL D 16 28.75 -38.40 -7.39
CA VAL D 16 30.20 -38.61 -7.30
C VAL D 16 30.92 -37.96 -8.47
N GLU D 17 30.32 -37.98 -9.67
CA GLU D 17 30.91 -37.27 -10.79
C GLU D 17 30.94 -35.77 -10.55
N GLN D 18 29.85 -35.22 -10.00
CA GLN D 18 29.80 -33.80 -9.71
C GLN D 18 30.84 -33.42 -8.67
N LEU D 19 31.00 -34.24 -7.62
CA LEU D 19 32.01 -33.96 -6.61
C LEU D 19 33.41 -34.04 -7.20
N LYS D 20 33.65 -35.01 -8.07
CA LYS D 20 34.97 -35.13 -8.69
C LYS D 20 35.27 -33.91 -9.54
N MET D 21 34.29 -33.42 -10.29
CA MET D 21 34.48 -32.20 -11.07
C MET D 21 34.75 -31.02 -10.14
N GLU D 22 34.00 -30.91 -9.05
CA GLU D 22 34.16 -29.78 -8.14
C GLU D 22 35.49 -29.82 -7.40
N ALA D 23 36.10 -30.99 -7.28
CA ALA D 23 37.33 -31.11 -6.51
C ALA D 23 38.60 -30.77 -7.30
N ASN D 24 38.48 -30.54 -8.60
CA ASN D 24 39.66 -30.32 -9.45
C ASN D 24 39.95 -28.85 -9.71
N ILE D 25 39.20 -27.93 -9.11
CA ILE D 25 39.38 -26.52 -9.41
C ILE D 25 40.54 -25.97 -8.60
N ASP D 26 41.42 -25.22 -9.26
CA ASP D 26 42.50 -24.54 -8.56
C ASP D 26 41.96 -23.41 -7.70
N ARG D 27 42.52 -23.26 -6.51
CA ARG D 27 42.05 -22.27 -5.55
C ARG D 27 43.20 -21.39 -5.11
N ILE D 28 42.96 -20.08 -5.05
CA ILE D 28 43.96 -19.13 -4.59
C ILE D 28 43.85 -18.99 -3.08
N LYS D 29 44.87 -18.41 -2.45
CA LYS D 29 44.85 -18.23 -1.01
C LYS D 29 43.83 -17.18 -0.61
N VAL D 30 43.34 -17.29 0.64
CA VAL D 30 42.37 -16.33 1.14
C VAL D 30 42.99 -14.94 1.24
N SER D 31 44.30 -14.88 1.52
CA SER D 31 44.96 -13.58 1.63
C SER D 31 44.91 -12.83 0.29
N LYS D 32 45.11 -13.54 -0.82
CA LYS D 32 45.03 -12.90 -2.11
C LYS D 32 43.62 -12.38 -2.38
N ALA D 33 42.60 -13.15 -2.01
CA ALA D 33 41.23 -12.71 -2.20
C ALA D 33 40.93 -11.48 -1.36
N ALA D 34 41.41 -11.45 -0.12
CA ALA D 34 41.22 -10.27 0.72
C ALA D 34 41.93 -9.07 0.13
N ALA D 35 43.13 -9.27 -0.41
CA ALA D 35 43.85 -8.18 -1.03
C ALA D 35 43.09 -7.63 -2.24
N ASP D 36 42.53 -8.53 -3.05
CA ASP D 36 41.74 -8.09 -4.20
C ASP D 36 40.51 -7.30 -3.76
N LEU D 37 39.82 -7.79 -2.73
CA LEU D 37 38.63 -7.10 -2.24
C LEU D 37 38.98 -5.71 -1.71
N MET D 38 40.05 -5.61 -0.92
CA MET D 38 40.48 -4.32 -0.42
C MET D 38 40.90 -3.39 -1.55
N ALA D 39 41.60 -3.93 -2.54
CA ALA D 39 42.05 -3.12 -3.66
C ALA D 39 40.88 -2.54 -4.43
N TYR D 40 39.84 -3.35 -4.68
CA TYR D 40 38.69 -2.83 -5.39
C TYR D 40 37.89 -1.85 -4.54
N CYS D 41 37.75 -2.12 -3.24
CA CYS D 41 37.01 -1.22 -2.38
C CYS D 41 37.68 0.14 -2.29
N GLU D 42 39.02 0.16 -2.24
CA GLU D 42 39.74 1.43 -2.18
C GLU D 42 39.76 2.12 -3.54
N ALA D 43 39.95 1.35 -4.61
CA ALA D 43 40.12 1.94 -5.94
C ALA D 43 38.85 2.66 -6.38
N HIS D 44 37.69 2.04 -6.18
CA HIS D 44 36.43 2.66 -6.55
C HIS D 44 35.77 3.38 -5.38
N ALA D 45 36.54 3.75 -4.36
CA ALA D 45 36.02 4.61 -3.31
C ALA D 45 35.82 6.02 -3.86
N LYS D 46 35.18 6.87 -3.06
CA LYS D 46 34.86 8.26 -3.37
C LYS D 46 34.06 8.37 -4.67
N GLU D 47 33.65 7.24 -5.23
CA GLU D 47 32.73 7.19 -6.35
C GLU D 47 31.41 6.56 -5.96
N ASP D 48 31.25 6.20 -4.69
CA ASP D 48 30.02 5.63 -4.16
C ASP D 48 29.28 6.72 -3.41
N PRO D 49 28.18 7.23 -3.94
CA PRO D 49 27.47 8.32 -3.25
C PRO D 49 27.01 7.94 -1.86
N LEU D 50 26.68 6.67 -1.62
CA LEU D 50 26.15 6.30 -0.32
C LEU D 50 27.25 6.21 0.72
N LEU D 51 28.37 5.56 0.38
CA LEU D 51 29.51 5.49 1.28
C LEU D 51 30.11 6.88 1.51
N THR D 52 30.37 7.62 0.44
CA THR D 52 30.89 8.99 0.52
C THR D 52 29.82 9.93 -0.01
N PRO D 53 29.12 10.65 0.87
CA PRO D 53 28.00 11.48 0.40
C PRO D 53 28.46 12.58 -0.56
N VAL D 54 27.58 12.91 -1.51
CA VAL D 54 27.84 13.96 -2.48
C VAL D 54 27.12 15.23 -2.03
N PRO D 55 27.55 16.41 -2.46
CA PRO D 55 26.85 17.63 -2.05
C PRO D 55 25.43 17.67 -2.60
N ALA D 56 24.59 18.47 -1.95
CA ALA D 56 23.19 18.57 -2.35
C ALA D 56 23.02 19.09 -3.77
N SER D 57 24.02 19.77 -4.31
CA SER D 57 23.90 20.27 -5.69
C SER D 57 23.81 19.11 -6.68
N GLU D 58 24.63 18.09 -6.49
CA GLU D 58 24.66 16.94 -7.40
C GLU D 58 23.79 15.78 -6.91
N ASN D 59 23.00 15.99 -5.87
CA ASN D 59 22.11 14.94 -5.37
C ASN D 59 20.76 15.05 -6.06
N PRO D 60 20.34 14.05 -6.84
CA PRO D 60 19.06 14.16 -7.57
C PRO D 60 17.85 13.76 -6.76
N PHE D 61 18.03 13.12 -5.60
CA PHE D 61 16.92 12.75 -4.73
C PHE D 61 16.68 13.78 -3.64
N ARG D 62 17.36 14.94 -3.73
CA ARG D 62 17.29 15.95 -2.69
C ARG D 62 15.86 16.43 -2.45
N GLU D 63 15.53 16.59 -1.16
CA GLU D 63 14.18 16.97 -0.75
C GLU D 63 13.87 18.43 -1.09
N LYS D 64 14.89 19.28 -1.22
CA LYS D 64 14.64 20.69 -1.52
C LYS D 64 13.93 20.83 -2.87
N LYS D 65 14.33 20.03 -3.86
CA LYS D 65 13.77 19.99 -5.21
C LYS D 65 13.27 21.34 -5.73
N GLY E 2 7.06 28.79 -7.92
CA GLY E 2 5.72 28.51 -8.41
C GLY E 2 5.49 27.05 -8.74
N CYS E 3 4.84 26.79 -9.87
CA CYS E 3 4.59 25.43 -10.30
C CYS E 3 5.89 24.69 -10.58
N THR E 4 6.78 25.31 -11.36
CA THR E 4 8.09 24.75 -11.69
C THR E 4 7.97 23.38 -12.35
N LEU E 5 6.82 23.13 -12.98
CA LEU E 5 6.55 21.86 -13.65
C LEU E 5 6.26 22.17 -15.12
N SER E 6 6.98 21.49 -16.02
CA SER E 6 6.75 21.63 -17.45
C SER E 6 5.42 21.01 -17.84
N ALA E 7 5.06 21.10 -19.13
CA ALA E 7 3.81 20.52 -19.60
C ALA E 7 3.80 19.02 -19.39
N GLU E 8 4.91 18.36 -19.74
CA GLU E 8 5.00 16.91 -19.63
C GLU E 8 4.92 16.47 -18.18
N ASP E 9 5.50 17.25 -17.27
CA ASP E 9 5.44 16.91 -15.86
C ASP E 9 4.00 16.95 -15.35
N LYS E 10 3.24 17.98 -15.74
CA LYS E 10 1.84 18.05 -15.33
C LYS E 10 1.04 16.89 -15.92
N ALA E 11 1.29 16.55 -17.18
CA ALA E 11 0.58 15.43 -17.77
C ALA E 11 0.94 14.12 -17.09
N ALA E 12 2.21 13.94 -16.71
CA ALA E 12 2.61 12.76 -15.98
C ALA E 12 1.93 12.70 -14.61
N VAL E 13 1.80 13.84 -13.94
CA VAL E 13 1.07 13.88 -12.68
C VAL E 13 -0.38 13.47 -12.88
N GLU E 14 -1.02 13.91 -13.96
CA GLU E 14 -2.39 13.47 -14.24
C GLU E 14 -2.46 11.96 -14.47
N ARG E 15 -1.50 11.42 -15.23
CA ARG E 15 -1.50 9.98 -15.46
C ARG E 15 -1.29 9.22 -14.16
N SER E 16 -0.43 9.73 -13.27
CA SER E 16 -0.25 9.10 -11.97
C SER E 16 -1.52 9.17 -11.13
N LYS E 17 -2.23 10.29 -11.16
CA LYS E 17 -3.49 10.37 -10.42
C LYS E 17 -4.51 9.39 -10.97
N MET E 18 -4.58 9.24 -12.29
CA MET E 18 -5.50 8.28 -12.89
C MET E 18 -5.14 6.85 -12.47
N ILE E 19 -3.86 6.52 -12.49
CA ILE E 19 -3.44 5.19 -12.07
C ILE E 19 -3.76 4.95 -10.60
N ASP E 20 -3.51 5.93 -9.74
CA ASP E 20 -3.87 5.80 -8.33
C ASP E 20 -5.37 5.63 -8.13
N ARG E 21 -6.19 6.33 -8.91
CA ARG E 21 -7.62 6.15 -8.85
C ARG E 21 -8.02 4.73 -9.23
N ASN E 22 -7.40 4.19 -10.29
CA ASN E 22 -7.70 2.82 -10.70
C ASN E 22 -7.28 1.83 -9.61
N LEU E 23 -6.13 2.05 -8.99
CA LEU E 23 -5.70 1.21 -7.88
C LEU E 23 -6.68 1.27 -6.70
N ARG E 24 -7.16 2.48 -6.38
CA ARG E 24 -8.12 2.60 -5.27
C ARG E 24 -9.41 1.87 -5.58
N GLU E 25 -9.90 2.00 -6.81
CA GLU E 25 -11.14 1.31 -7.19
C GLU E 25 -10.95 -0.21 -7.17
N ASP E 26 -9.81 -0.67 -7.67
CA ASP E 26 -9.54 -2.11 -7.65
C ASP E 26 -9.41 -2.63 -6.23
N GLY E 27 -8.78 -1.87 -5.35
CA GLY E 27 -8.71 -2.28 -3.95
C GLY E 27 -10.07 -2.31 -3.28
N GLU E 28 -10.93 -1.35 -3.61
CA GLU E 28 -12.28 -1.35 -3.07
C GLU E 28 -13.05 -2.58 -3.54
N LYS E 29 -12.90 -2.94 -4.81
CA LYS E 29 -13.53 -4.16 -5.30
C LYS E 29 -12.95 -5.40 -4.66
N ALA E 30 -11.64 -5.42 -4.40
CA ALA E 30 -10.97 -6.58 -3.83
C ALA E 30 -11.28 -6.78 -2.35
N ALA E 31 -11.46 -5.70 -1.59
CA ALA E 31 -11.77 -5.83 -0.18
C ALA E 31 -13.12 -6.49 0.05
N ARG E 32 -14.11 -6.17 -0.77
CA ARG E 32 -15.43 -6.78 -0.69
C ARG E 32 -15.46 -8.11 -1.43
N GLU E 33 -14.51 -8.98 -1.11
CA GLU E 33 -14.36 -10.26 -1.79
C GLU E 33 -13.58 -11.18 -0.87
N VAL E 34 -14.23 -12.23 -0.39
CA VAL E 34 -13.65 -13.09 0.63
C VAL E 34 -12.70 -14.09 -0.02
N LYS E 35 -11.60 -14.37 0.66
CA LYS E 35 -10.56 -15.28 0.19
C LYS E 35 -10.54 -16.50 1.11
N LEU E 36 -10.59 -17.70 0.52
CA LEU E 36 -10.56 -18.95 1.27
C LEU E 36 -9.37 -19.77 0.80
N LEU E 37 -8.70 -20.44 1.74
CA LEU E 37 -7.60 -21.33 1.40
C LEU E 37 -7.96 -22.78 1.69
N LEU E 38 -8.11 -23.59 0.64
CA LEU E 38 -8.46 -25.00 0.81
C LEU E 38 -7.20 -25.79 1.12
N LEU E 39 -7.02 -26.17 2.38
CA LEU E 39 -5.90 -27.03 2.73
C LEU E 39 -6.44 -28.42 3.04
N GLY E 40 -5.55 -29.39 3.25
CA GLY E 40 -6.00 -30.73 3.55
C GLY E 40 -5.05 -31.82 3.10
N ALA E 41 -5.45 -33.07 3.28
CA ALA E 41 -4.64 -34.21 2.87
C ALA E 41 -4.70 -34.38 1.36
N GLY E 42 -4.12 -35.48 0.87
CA GLY E 42 -4.08 -35.76 -0.55
C GLY E 42 -5.44 -35.80 -1.22
N GLU E 43 -6.28 -36.75 -0.82
CA GLU E 43 -7.61 -36.93 -1.40
C GLU E 43 -8.71 -36.95 -0.33
N SER E 44 -8.53 -36.18 0.74
CA SER E 44 -9.46 -36.19 1.86
C SER E 44 -10.70 -35.35 1.52
N GLY E 45 -11.41 -35.81 0.48
CA GLY E 45 -12.64 -35.17 0.07
C GLY E 45 -12.45 -33.82 -0.58
N LYS E 46 -11.24 -33.56 -1.09
CA LYS E 46 -10.96 -32.29 -1.74
C LYS E 46 -11.82 -32.11 -2.98
N SER E 47 -11.89 -33.15 -3.80
CA SER E 47 -12.66 -33.07 -5.03
C SER E 47 -14.12 -32.76 -4.76
N THR E 48 -14.75 -33.49 -3.85
CA THR E 48 -16.16 -33.30 -3.56
C THR E 48 -16.44 -31.86 -3.15
N ILE E 49 -15.57 -31.31 -2.30
CA ILE E 49 -15.71 -29.94 -1.83
C ILE E 49 -15.61 -29.01 -3.03
N VAL E 50 -14.61 -29.25 -3.90
CA VAL E 50 -14.39 -28.42 -5.07
C VAL E 50 -15.63 -28.41 -5.95
N LYS E 51 -16.23 -29.58 -6.15
CA LYS E 51 -17.42 -29.67 -6.99
C LYS E 51 -18.62 -28.95 -6.37
N GLN E 52 -18.88 -29.18 -5.09
CA GLN E 52 -20.09 -28.64 -4.49
C GLN E 52 -20.02 -27.12 -4.29
N MET E 53 -18.89 -26.61 -3.81
CA MET E 53 -18.78 -25.17 -3.62
C MET E 53 -18.91 -24.41 -4.94
N LYS E 54 -18.32 -24.93 -6.00
CA LYS E 54 -18.43 -24.27 -7.30
C LYS E 54 -19.84 -24.42 -7.87
N LYS E 180 -3.00 -25.41 -16.18
CA LYS E 180 -1.83 -25.58 -17.04
C LYS E 180 -0.63 -26.06 -16.24
N THR E 181 -0.25 -25.29 -15.22
CA THR E 181 0.86 -25.61 -14.35
C THR E 181 0.37 -26.04 -12.98
N THR E 182 1.14 -26.93 -12.34
CA THR E 182 0.78 -27.49 -11.05
C THR E 182 1.00 -26.43 -9.95
N GLY E 183 0.10 -25.45 -9.92
CA GLY E 183 0.16 -24.38 -8.96
C GLY E 183 -1.19 -24.12 -8.31
N ILE E 184 -1.36 -22.89 -7.86
CA ILE E 184 -2.59 -22.46 -7.21
C ILE E 184 -3.74 -22.51 -8.21
N VAL E 185 -4.86 -23.07 -7.79
CA VAL E 185 -6.06 -23.16 -8.61
C VAL E 185 -7.11 -22.28 -7.94
N GLU E 186 -7.54 -21.23 -8.62
CA GLU E 186 -8.48 -20.26 -8.05
C GLU E 186 -9.86 -20.50 -8.63
N THR E 187 -10.73 -21.10 -7.82
CA THR E 187 -12.11 -21.31 -8.21
C THR E 187 -12.97 -20.23 -7.56
N HIS E 188 -13.68 -19.45 -8.37
CA HIS E 188 -14.50 -18.35 -7.89
C HIS E 188 -15.97 -18.72 -7.97
N PHE E 189 -16.70 -18.48 -6.88
CA PHE E 189 -18.11 -18.81 -6.79
C PHE E 189 -18.81 -17.75 -5.94
N THR E 190 -20.05 -17.45 -6.29
CA THR E 190 -20.81 -16.38 -5.65
C THR E 190 -22.07 -16.94 -5.02
N PHE E 191 -22.43 -16.41 -3.85
CA PHE E 191 -23.63 -16.83 -3.13
C PHE E 191 -24.19 -15.62 -2.41
N LYS E 192 -25.32 -15.11 -2.91
CA LYS E 192 -25.98 -13.92 -2.37
C LYS E 192 -25.03 -12.74 -2.21
N ASP E 193 -24.43 -12.31 -3.33
CA ASP E 193 -23.62 -11.09 -3.41
C ASP E 193 -22.49 -11.10 -2.38
N LEU E 194 -21.82 -12.24 -2.31
CA LEU E 194 -20.67 -12.39 -1.43
C LEU E 194 -19.54 -13.09 -2.18
N HIS E 195 -19.20 -12.58 -3.37
CA HIS E 195 -18.22 -13.19 -4.27
C HIS E 195 -16.99 -13.71 -3.55
N PHE E 196 -16.75 -15.02 -3.65
CA PHE E 196 -15.62 -15.67 -3.00
C PHE E 196 -14.53 -16.02 -4.00
N LYS E 197 -13.33 -16.21 -3.50
CA LYS E 197 -12.19 -16.69 -4.27
C LYS E 197 -11.53 -17.79 -3.44
N MET E 198 -11.76 -19.04 -3.82
CA MET E 198 -11.29 -20.18 -3.04
C MET E 198 -10.03 -20.76 -3.68
N PHE E 199 -8.97 -20.88 -2.90
CA PHE E 199 -7.62 -21.15 -3.40
C PHE E 199 -7.21 -22.57 -3.01
N ASP E 200 -7.13 -23.44 -4.02
CA ASP E 200 -6.64 -24.80 -3.83
C ASP E 200 -5.14 -24.80 -4.07
N VAL E 201 -4.36 -25.10 -3.04
CA VAL E 201 -2.91 -25.03 -3.12
C VAL E 201 -2.32 -26.39 -2.86
N GLY E 202 -3.08 -27.44 -3.16
CA GLY E 202 -2.62 -28.80 -2.94
C GLY E 202 -1.67 -29.32 -3.98
N ALA E 203 -1.22 -28.48 -4.90
CA ALA E 203 -0.31 -28.90 -5.95
C ALA E 203 1.14 -28.46 -5.74
N GLN E 204 1.41 -27.58 -4.79
CA GLN E 204 2.76 -27.10 -4.54
C GLN E 204 3.50 -28.10 -3.66
N ARG E 205 4.33 -28.93 -4.29
CA ARG E 205 5.15 -29.91 -3.58
C ARG E 205 6.46 -29.26 -3.13
N SER E 206 6.32 -28.30 -2.22
CA SER E 206 7.46 -27.57 -1.69
C SER E 206 7.23 -27.34 -0.20
N GLU E 207 8.26 -26.80 0.47
CA GLU E 207 8.17 -26.51 1.89
C GLU E 207 7.02 -25.54 2.16
N ARG E 208 6.12 -25.92 3.06
CA ARG E 208 4.97 -25.07 3.35
C ARG E 208 5.35 -23.77 4.04
N LYS E 209 6.44 -23.77 4.82
CA LYS E 209 6.84 -22.56 5.53
C LYS E 209 7.41 -21.50 4.61
N LYS E 210 7.63 -21.81 3.33
CA LYS E 210 8.18 -20.85 2.39
C LYS E 210 7.13 -20.17 1.53
N TRP E 211 5.88 -20.63 1.53
CA TRP E 211 4.83 -19.98 0.77
C TRP E 211 3.54 -19.80 1.54
N ILE E 212 3.41 -20.36 2.74
CA ILE E 212 2.20 -20.16 3.53
C ILE E 212 2.12 -18.75 4.07
N HIS E 213 3.21 -17.99 4.05
CA HIS E 213 3.18 -16.61 4.53
C HIS E 213 2.47 -15.69 3.56
N CYS E 214 2.20 -16.14 2.33
CA CYS E 214 1.46 -15.31 1.39
C CYS E 214 -0.01 -15.19 1.79
N PHE E 215 -0.56 -16.22 2.44
CA PHE E 215 -1.95 -16.22 2.87
C PHE E 215 -2.08 -15.71 4.30
N GLU E 216 -1.89 -14.40 4.47
CA GLU E 216 -2.05 -13.78 5.78
C GLU E 216 -3.42 -13.13 5.97
N GLY E 217 -3.98 -12.54 4.93
CA GLY E 217 -5.26 -11.88 5.05
C GLY E 217 -6.43 -12.78 4.75
N VAL E 218 -6.17 -14.08 4.60
CA VAL E 218 -7.20 -15.05 4.29
C VAL E 218 -8.25 -15.05 5.38
N THR E 219 -9.53 -15.07 4.98
CA THR E 219 -10.62 -15.03 5.93
C THR E 219 -10.98 -16.42 6.46
N ALA E 220 -10.61 -17.47 5.75
CA ALA E 220 -10.91 -18.84 6.15
C ALA E 220 -9.76 -19.74 5.72
N ILE E 221 -9.57 -20.86 6.41
CA ILE E 221 -8.55 -21.84 6.02
C ILE E 221 -9.32 -23.12 5.88
N ILE E 222 -10.34 -23.12 5.05
CA ILE E 222 -11.25 -24.25 4.87
C ILE E 222 -10.49 -25.57 4.71
N PHE E 223 -10.85 -26.53 5.56
CA PHE E 223 -10.18 -27.82 5.69
C PHE E 223 -11.10 -28.95 5.25
N CYS E 224 -10.50 -30.02 4.74
CA CYS E 224 -11.26 -31.19 4.30
C CYS E 224 -10.58 -32.42 4.86
N VAL E 225 -11.24 -33.10 5.80
CA VAL E 225 -10.69 -34.30 6.41
C VAL E 225 -11.60 -35.48 6.11
N ALA E 226 -10.99 -36.59 5.71
CA ALA E 226 -11.71 -37.79 5.31
C ALA E 226 -11.97 -38.66 6.54
N LEU E 227 -13.23 -39.04 6.72
CA LEU E 227 -13.61 -39.91 7.82
C LEU E 227 -13.19 -41.36 7.62
N SER E 228 -13.07 -41.80 6.37
CA SER E 228 -12.66 -43.18 6.10
C SER E 228 -11.18 -43.38 6.34
N ASP E 229 -10.43 -42.32 6.62
CA ASP E 229 -9.01 -42.43 6.86
C ASP E 229 -8.70 -43.11 8.19
N TYR E 230 -9.70 -43.26 9.05
CA TYR E 230 -9.49 -43.88 10.36
C TYR E 230 -9.07 -45.34 10.23
N ASP E 231 -9.65 -46.06 9.27
CA ASP E 231 -9.29 -47.45 9.07
C ASP E 231 -8.18 -47.62 8.05
N LEU E 232 -8.06 -46.69 7.10
CA LEU E 232 -7.03 -46.78 6.08
C LEU E 232 -5.66 -46.49 6.68
N VAL E 233 -4.62 -46.85 5.91
CA VAL E 233 -3.24 -46.63 6.28
C VAL E 233 -2.58 -45.84 5.16
N LEU E 234 -1.54 -45.07 5.51
CA LEU E 234 -0.86 -44.25 4.53
C LEU E 234 -0.24 -45.10 3.42
N ALA E 235 0.04 -44.47 2.28
CA ALA E 235 0.64 -45.19 1.16
C ALA E 235 1.98 -45.81 1.55
N GLU E 236 2.82 -45.04 2.25
CA GLU E 236 4.05 -45.57 2.82
C GLU E 236 3.71 -46.25 4.14
N ASP E 237 3.23 -47.49 4.03
CA ASP E 237 2.71 -48.24 5.16
C ASP E 237 3.75 -48.42 6.26
N GLU E 238 3.56 -47.73 7.37
CA GLU E 238 4.42 -47.87 8.55
C GLU E 238 3.56 -47.81 9.80
N GLU E 239 2.31 -48.27 9.69
CA GLU E 239 1.34 -48.15 10.78
C GLU E 239 0.91 -46.70 10.99
N MET E 240 1.11 -45.87 9.96
CA MET E 240 0.78 -44.45 10.04
C MET E 240 -0.66 -44.26 9.53
N ASN E 241 -1.57 -44.08 10.50
CA ASN E 241 -2.97 -43.85 10.21
C ASN E 241 -3.15 -42.57 9.39
N ARG E 242 -3.95 -42.65 8.32
CA ARG E 242 -4.22 -41.48 7.49
C ARG E 242 -4.97 -40.41 8.28
N MET E 243 -5.90 -40.84 9.13
CA MET E 243 -6.61 -39.90 9.99
C MET E 243 -5.63 -39.20 10.91
N HIS E 244 -4.64 -39.94 11.42
CA HIS E 244 -3.61 -39.32 12.25
C HIS E 244 -2.76 -38.36 11.44
N GLU E 245 -2.56 -38.64 10.17
CA GLU E 245 -1.81 -37.70 9.34
C GLU E 245 -2.61 -36.42 9.15
N SER E 246 -3.91 -36.55 8.95
CA SER E 246 -4.75 -35.36 8.85
C SER E 246 -4.72 -34.57 10.15
N MET E 247 -4.69 -35.27 11.29
CA MET E 247 -4.57 -34.60 12.57
C MET E 247 -3.24 -33.84 12.67
N LYS E 248 -2.16 -34.46 12.22
CA LYS E 248 -0.86 -33.81 12.24
C LYS E 248 -0.85 -32.57 11.36
N LEU E 249 -1.48 -32.66 10.19
CA LEU E 249 -1.56 -31.49 9.32
C LEU E 249 -2.36 -30.38 9.98
N PHE E 250 -3.43 -30.73 10.69
CA PHE E 250 -4.25 -29.73 11.35
C PHE E 250 -3.47 -29.00 12.42
N ASP E 251 -2.57 -29.71 13.11
CA ASP E 251 -1.77 -29.07 14.16
C ASP E 251 -0.88 -27.97 13.60
N SER E 252 -0.26 -28.21 12.46
CA SER E 252 0.69 -27.25 11.88
C SER E 252 0.00 -26.05 11.24
N ILE E 253 -1.31 -26.10 11.07
CA ILE E 253 -2.05 -24.99 10.47
C ILE E 253 -2.92 -24.27 11.49
N CYS E 254 -3.45 -24.97 12.48
CA CYS E 254 -4.23 -24.35 13.54
C CYS E 254 -3.37 -23.61 14.57
N ASN E 255 -2.09 -23.95 14.66
CA ASN E 255 -1.17 -23.34 15.62
C ASN E 255 0.02 -22.73 14.93
N ASN E 256 -0.10 -22.44 13.64
CA ASN E 256 0.96 -21.81 12.87
C ASN E 256 1.13 -20.38 13.35
N LYS E 257 2.34 -19.83 13.14
CA LYS E 257 2.63 -18.51 13.68
C LYS E 257 1.86 -17.41 12.97
N TRP E 258 1.54 -17.61 11.69
CA TRP E 258 0.86 -16.57 10.94
C TRP E 258 -0.63 -16.50 11.29
N PHE E 259 -1.32 -17.62 11.22
CA PHE E 259 -2.78 -17.65 11.40
C PHE E 259 -3.11 -17.63 12.89
N THR E 260 -3.28 -16.41 13.41
CA THR E 260 -3.67 -16.21 14.80
C THR E 260 -5.11 -15.74 14.92
N ASP E 261 -5.72 -15.28 13.82
CA ASP E 261 -7.12 -14.86 13.85
C ASP E 261 -7.92 -15.41 12.68
N THR E 262 -7.49 -16.52 12.07
CA THR E 262 -8.18 -17.12 10.94
C THR E 262 -8.99 -18.31 11.43
N SER E 263 -10.28 -18.31 11.14
CA SER E 263 -11.18 -19.37 11.58
C SER E 263 -11.22 -20.49 10.54
N ILE E 264 -11.01 -21.72 10.97
CA ILE E 264 -11.07 -22.87 10.08
C ILE E 264 -12.53 -23.30 9.92
N ILE E 265 -12.85 -23.81 8.74
CA ILE E 265 -14.21 -24.26 8.41
C ILE E 265 -14.19 -25.76 8.18
N LEU E 266 -13.41 -26.46 9.00
CA LEU E 266 -13.18 -27.90 8.87
C LEU E 266 -14.44 -28.65 8.46
N PHE E 267 -14.33 -29.36 7.34
CA PHE E 267 -15.43 -30.14 6.76
C PHE E 267 -15.04 -31.63 6.87
N LEU E 268 -15.73 -32.34 7.75
CA LEU E 268 -15.51 -33.78 7.91
C LEU E 268 -16.21 -34.49 6.77
N ASN E 269 -15.44 -34.90 5.76
CA ASN E 269 -15.99 -35.44 4.53
C ASN E 269 -16.25 -36.94 4.65
N LYS E 270 -17.03 -37.45 3.71
CA LYS E 270 -17.32 -38.88 3.56
C LYS E 270 -17.88 -39.47 4.86
N LYS E 271 -19.06 -38.97 5.21
CA LYS E 271 -19.76 -39.49 6.38
C LYS E 271 -20.41 -40.84 6.11
N ASP E 272 -20.87 -41.06 4.87
CA ASP E 272 -21.53 -42.31 4.52
C ASP E 272 -20.56 -43.48 4.63
N LEU E 273 -19.36 -43.34 4.07
CA LEU E 273 -18.36 -44.39 4.15
C LEU E 273 -18.01 -44.69 5.59
N PHE E 274 -17.91 -43.65 6.42
CA PHE E 274 -17.67 -43.83 7.84
C PHE E 274 -18.80 -44.63 8.49
N GLU E 275 -20.04 -44.31 8.12
CA GLU E 275 -21.19 -45.04 8.65
C GLU E 275 -21.10 -46.52 8.30
N GLU E 276 -20.80 -46.84 7.04
CA GLU E 276 -20.66 -48.23 6.65
C GLU E 276 -19.45 -48.88 7.30
N LYS E 277 -18.33 -48.17 7.35
CA LYS E 277 -17.10 -48.76 7.86
C LYS E 277 -17.16 -48.97 9.37
N ILE E 278 -17.83 -48.06 10.08
CA ILE E 278 -17.90 -48.19 11.54
C ILE E 278 -18.76 -49.38 11.95
N LYS E 279 -19.57 -49.90 11.04
CA LYS E 279 -20.41 -51.05 11.37
C LYS E 279 -19.57 -52.28 11.70
N LYS E 280 -18.47 -52.48 10.99
CA LYS E 280 -17.62 -53.63 11.24
C LYS E 280 -16.29 -53.21 11.85
N SER E 281 -15.58 -52.32 11.19
CA SER E 281 -14.27 -51.90 11.68
C SER E 281 -14.44 -50.96 12.88
N PRO E 282 -13.86 -51.29 14.03
CA PRO E 282 -13.96 -50.41 15.20
C PRO E 282 -13.01 -49.24 15.10
N LEU E 283 -13.44 -48.10 15.64
CA LEU E 283 -12.59 -46.92 15.64
C LEU E 283 -11.40 -47.08 16.59
N THR E 284 -11.45 -48.07 17.47
CA THR E 284 -10.38 -48.27 18.44
C THR E 284 -9.02 -48.42 17.76
N ILE E 285 -9.00 -48.98 16.55
CA ILE E 285 -7.74 -49.15 15.83
C ILE E 285 -7.17 -47.78 15.44
N CYS E 286 -8.04 -46.78 15.34
CA CYS E 286 -7.58 -45.42 15.05
C CYS E 286 -7.28 -44.66 16.33
N TYR E 287 -8.25 -44.59 17.23
CA TYR E 287 -8.06 -43.97 18.54
C TYR E 287 -8.28 -45.01 19.63
N PRO E 288 -7.20 -45.60 20.16
CA PRO E 288 -7.34 -46.65 21.18
C PRO E 288 -8.10 -46.21 22.42
N GLU E 289 -7.90 -44.96 22.86
CA GLU E 289 -8.47 -44.50 24.12
C GLU E 289 -10.00 -44.39 24.03
N TYR E 290 -10.51 -44.17 22.82
CA TYR E 290 -11.94 -44.02 22.58
C TYR E 290 -12.74 -45.16 23.21
N ALA E 291 -13.61 -44.82 24.16
CA ALA E 291 -14.40 -45.78 24.91
C ALA E 291 -15.89 -45.55 24.72
N GLY E 292 -16.31 -45.29 23.50
CA GLY E 292 -17.69 -45.11 23.15
C GLY E 292 -18.31 -46.37 22.57
N SER E 293 -19.21 -46.21 21.61
CA SER E 293 -19.80 -47.38 20.96
C SER E 293 -19.20 -47.62 19.58
N ASN E 294 -19.95 -48.24 18.68
CA ASN E 294 -19.47 -48.41 17.32
C ASN E 294 -20.52 -47.85 16.39
N THR E 295 -21.24 -46.83 16.84
CA THR E 295 -22.26 -46.19 16.02
C THR E 295 -21.71 -44.88 15.49
N TYR E 296 -22.23 -44.43 14.36
CA TYR E 296 -21.78 -43.17 13.77
C TYR E 296 -21.83 -42.04 14.78
N GLU E 297 -22.94 -41.89 15.48
CA GLU E 297 -23.11 -40.80 16.43
C GLU E 297 -21.92 -40.59 17.36
N GLU E 298 -21.73 -41.52 18.28
CA GLU E 298 -20.65 -41.39 19.25
C GLU E 298 -19.30 -41.26 18.57
N ALA E 299 -19.08 -42.09 17.54
CA ALA E 299 -17.81 -42.07 16.83
C ALA E 299 -17.52 -40.69 16.25
N ALA E 300 -18.47 -40.15 15.51
CA ALA E 300 -18.27 -38.85 14.88
C ALA E 300 -18.08 -37.79 15.94
N ALA E 301 -18.91 -37.84 16.97
CA ALA E 301 -18.79 -36.89 18.04
C ALA E 301 -17.39 -36.92 18.58
N TYR E 302 -16.78 -38.09 18.62
CA TYR E 302 -15.45 -38.20 19.20
C TYR E 302 -14.38 -37.69 18.24
N ILE E 303 -14.47 -38.04 16.96
CA ILE E 303 -13.46 -37.55 16.03
C ILE E 303 -13.58 -36.04 15.84
N GLN E 304 -14.81 -35.50 15.87
CA GLN E 304 -14.97 -34.06 15.81
C GLN E 304 -14.33 -33.39 17.03
N CYS E 305 -14.52 -33.97 18.21
CA CYS E 305 -13.88 -33.42 19.41
C CYS E 305 -12.37 -33.50 19.32
N GLN E 306 -11.83 -34.61 18.81
CA GLN E 306 -10.39 -34.74 18.68
C GLN E 306 -9.81 -33.72 17.72
N PHE E 307 -10.45 -33.53 16.56
CA PHE E 307 -9.96 -32.52 15.62
C PHE E 307 -10.19 -31.10 16.10
N GLU E 308 -11.11 -30.88 17.05
CA GLU E 308 -11.38 -29.55 17.56
C GLU E 308 -10.54 -29.20 18.78
N ASP E 309 -10.01 -30.18 19.51
CA ASP E 309 -9.24 -29.87 20.72
C ASP E 309 -7.78 -29.55 20.43
N LEU E 310 -7.29 -29.78 19.21
CA LEU E 310 -5.91 -29.43 18.90
C LEU E 310 -5.68 -27.93 18.96
N ASN E 311 -6.73 -27.13 18.84
CA ASN E 311 -6.59 -25.69 18.91
C ASN E 311 -6.08 -25.28 20.28
N LYS E 312 -5.11 -24.36 20.29
CA LYS E 312 -4.51 -23.92 21.54
C LYS E 312 -4.81 -22.43 21.75
N ARG E 313 -5.48 -21.83 20.77
CA ARG E 313 -5.84 -20.42 20.84
C ARG E 313 -7.33 -20.22 20.69
N LYS E 314 -8.12 -20.98 21.47
CA LYS E 314 -9.57 -20.91 21.37
C LYS E 314 -10.11 -19.52 21.64
N ASP E 315 -9.35 -18.68 22.33
CA ASP E 315 -9.82 -17.35 22.69
C ASP E 315 -10.03 -16.48 21.45
N THR E 316 -9.12 -16.58 20.47
CA THR E 316 -9.14 -15.71 19.30
C THR E 316 -10.03 -16.28 18.19
N LYS E 317 -9.69 -17.47 17.72
CA LYS E 317 -10.37 -18.07 16.60
C LYS E 317 -11.29 -19.21 17.03
N GLU E 318 -11.99 -19.77 16.06
CA GLU E 318 -12.93 -20.86 16.27
C GLU E 318 -12.76 -21.88 15.16
N ILE E 319 -13.26 -23.09 15.40
CA ILE E 319 -13.24 -24.14 14.39
C ILE E 319 -14.67 -24.57 14.09
N TYR E 320 -15.23 -24.02 13.01
CA TYR E 320 -16.60 -24.32 12.61
C TYR E 320 -16.61 -25.68 11.92
N THR E 321 -17.10 -26.69 12.64
CA THR E 321 -17.15 -28.04 12.10
C THR E 321 -18.46 -28.29 11.37
N HIS E 322 -18.41 -29.20 10.40
CA HIS E 322 -19.61 -29.64 9.68
C HIS E 322 -19.35 -30.88 8.85
N PHE E 323 -20.21 -31.89 8.99
CA PHE E 323 -20.11 -33.06 8.14
C PHE E 323 -20.69 -32.74 6.76
N THR E 324 -20.01 -33.20 5.72
CA THR E 324 -20.43 -32.90 4.35
C THR E 324 -21.67 -33.71 4.01
N CYS E 325 -22.72 -33.02 3.57
CA CYS E 325 -23.97 -33.66 3.19
C CYS E 325 -23.85 -34.27 1.81
N SER E 326 -24.67 -35.28 1.54
CA SER E 326 -24.69 -35.90 0.21
C SER E 326 -25.12 -34.88 -0.85
N THR E 327 -26.08 -34.03 -0.52
CA THR E 327 -26.52 -33.01 -1.46
C THR E 327 -25.46 -31.92 -1.59
N ASP E 328 -25.50 -31.20 -2.71
CA ASP E 328 -24.56 -30.12 -3.00
C ASP E 328 -25.22 -28.75 -2.87
N THR E 329 -26.15 -28.58 -1.93
CA THR E 329 -26.88 -27.33 -1.78
C THR E 329 -26.85 -26.77 -0.37
N LYS E 330 -26.77 -27.61 0.65
CA LYS E 330 -26.79 -27.13 2.04
C LYS E 330 -25.40 -26.87 2.60
N ASN E 331 -24.37 -27.50 2.05
CA ASN E 331 -23.02 -27.29 2.55
C ASN E 331 -22.53 -25.87 2.29
N VAL E 332 -22.74 -25.36 1.07
CA VAL E 332 -22.29 -24.01 0.76
C VAL E 332 -23.00 -22.98 1.64
N GLN E 333 -24.20 -23.30 2.12
CA GLN E 333 -24.86 -22.42 3.07
C GLN E 333 -24.04 -22.29 4.35
N PHE E 334 -23.42 -23.39 4.78
CA PHE E 334 -22.62 -23.34 6.00
C PHE E 334 -21.38 -22.48 5.77
N VAL E 335 -20.78 -22.57 4.59
CA VAL E 335 -19.65 -21.69 4.29
C VAL E 335 -20.10 -20.25 4.34
N PHE E 336 -21.25 -19.94 3.74
CA PHE E 336 -21.77 -18.58 3.80
C PHE E 336 -21.91 -18.12 5.24
N ASP E 337 -22.54 -18.93 6.08
CA ASP E 337 -22.77 -18.55 7.47
C ASP E 337 -21.47 -18.35 8.23
N ALA E 338 -20.51 -19.27 8.04
CA ALA E 338 -19.26 -19.20 8.77
C ALA E 338 -18.47 -17.95 8.36
N VAL E 339 -18.38 -17.68 7.06
CA VAL E 339 -17.69 -16.47 6.65
C VAL E 339 -18.44 -15.23 7.12
N THR E 340 -19.77 -15.26 7.15
CA THR E 340 -20.50 -14.10 7.66
C THR E 340 -20.15 -13.83 9.11
N ASP E 341 -20.11 -14.89 9.93
CA ASP E 341 -19.75 -14.72 11.32
C ASP E 341 -18.33 -14.20 11.47
N VAL E 342 -17.40 -14.74 10.67
CA VAL E 342 -16.02 -14.32 10.83
C VAL E 342 -15.79 -12.88 10.33
N ILE E 343 -16.47 -12.46 9.26
CA ILE E 343 -16.29 -11.07 8.84
C ILE E 343 -16.94 -10.14 9.85
N ILE E 344 -18.08 -10.55 10.43
CA ILE E 344 -18.69 -9.73 11.48
C ILE E 344 -17.71 -9.56 12.63
N LYS E 345 -17.09 -10.65 13.07
CA LYS E 345 -16.14 -10.56 14.17
C LYS E 345 -14.94 -9.71 13.83
N ASN E 346 -14.40 -9.88 12.61
CA ASN E 346 -13.24 -9.11 12.16
C ASN E 346 -13.55 -7.62 12.11
N ASN E 347 -14.67 -7.27 11.48
CA ASN E 347 -15.05 -5.87 11.39
C ASN E 347 -15.31 -5.28 12.76
N LEU E 348 -15.96 -6.05 13.64
CA LEU E 348 -16.28 -5.58 14.97
C LEU E 348 -15.02 -5.29 15.77
N LYS E 349 -14.05 -6.19 15.73
CA LYS E 349 -12.82 -5.98 16.47
C LYS E 349 -11.97 -4.87 15.84
N ASP E 350 -12.03 -4.72 14.51
CA ASP E 350 -11.27 -3.65 13.87
C ASP E 350 -11.85 -2.30 14.20
N CYS E 351 -13.19 -2.20 14.19
CA CYS E 351 -13.86 -0.96 14.61
C CYS E 351 -13.56 -0.67 16.07
N GLY E 352 -13.58 -1.71 16.90
CA GLY E 352 -13.18 -1.64 18.28
C GLY E 352 -14.33 -1.80 19.26
N LEU E 353 -14.54 -3.03 19.72
CA LEU E 353 -15.47 -3.31 20.81
C LEU E 353 -14.76 -4.20 21.82
N PHE E 354 -13.87 -5.06 21.35
CA PHE E 354 -12.99 -5.81 22.22
C PHE E 354 -11.60 -5.95 21.59
N VAL F 1 -2.60 0.55 -35.24
CA VAL F 1 -2.67 1.99 -35.10
C VAL F 1 -3.22 2.62 -36.36
N GLN F 2 -4.39 3.25 -36.25
CA GLN F 2 -5.03 3.86 -37.40
C GLN F 2 -6.04 4.89 -36.90
N LEU F 3 -5.96 6.11 -37.44
CA LEU F 3 -6.87 7.18 -37.11
C LEU F 3 -7.47 7.71 -38.41
N VAL F 4 -8.79 7.85 -38.44
CA VAL F 4 -9.49 8.42 -39.57
C VAL F 4 -10.39 9.54 -39.04
N GLU F 5 -10.44 10.66 -39.78
CA GLU F 5 -11.26 11.79 -39.41
C GLU F 5 -12.21 12.15 -40.54
N SER F 6 -13.37 12.67 -40.18
CA SER F 6 -14.38 13.03 -41.16
C SER F 6 -15.18 14.22 -40.65
N GLY F 7 -16.10 14.70 -41.47
CA GLY F 7 -16.95 15.81 -41.13
C GLY F 7 -16.59 17.12 -41.77
N GLY F 8 -15.57 17.15 -42.62
CA GLY F 8 -15.13 18.38 -43.26
C GLY F 8 -15.97 18.73 -44.48
N GLY F 9 -15.62 19.85 -45.09
CA GLY F 9 -16.29 20.30 -46.29
C GLY F 9 -16.47 21.80 -46.36
N LEU F 10 -17.09 22.28 -47.44
CA LEU F 10 -17.32 23.70 -47.59
C LEU F 10 -18.41 24.17 -46.63
N VAL F 11 -18.15 25.28 -45.94
CA VAL F 11 -19.06 25.79 -44.93
C VAL F 11 -19.18 27.30 -45.07
N GLN F 12 -20.42 27.78 -44.97
CA GLN F 12 -20.71 29.21 -44.99
C GLN F 12 -20.18 29.85 -43.72
N PRO F 13 -19.48 30.98 -43.80
CA PRO F 13 -18.90 31.59 -42.61
C PRO F 13 -19.96 31.93 -41.57
N GLY F 14 -19.59 31.80 -40.31
CA GLY F 14 -20.50 32.06 -39.21
C GLY F 14 -21.35 30.89 -38.79
N GLY F 15 -21.23 29.74 -39.46
CA GLY F 15 -21.98 28.55 -39.12
C GLY F 15 -21.29 27.73 -38.06
N SER F 16 -21.51 26.42 -38.11
CA SER F 16 -20.92 25.50 -37.16
C SER F 16 -20.57 24.19 -37.86
N ARG F 17 -19.66 23.45 -37.26
CA ARG F 17 -19.28 22.14 -37.79
C ARG F 17 -18.76 21.27 -36.66
N LYS F 18 -18.78 19.96 -36.88
CA LYS F 18 -18.39 18.97 -35.88
C LYS F 18 -17.48 17.94 -36.54
N LEU F 19 -16.21 17.93 -36.14
CA LEU F 19 -15.24 16.99 -36.67
C LEU F 19 -15.08 15.82 -35.72
N SER F 20 -14.85 14.63 -36.27
CA SER F 20 -14.71 13.42 -35.49
C SER F 20 -13.47 12.65 -35.93
N CYS F 21 -12.74 12.13 -34.95
CA CYS F 21 -11.54 11.33 -35.20
C CYS F 21 -11.77 9.94 -34.61
N SER F 22 -11.75 8.93 -35.48
CA SER F 22 -12.01 7.55 -35.08
C SER F 22 -10.71 6.86 -34.74
N ALA F 23 -10.65 6.26 -33.56
CA ALA F 23 -9.45 5.59 -33.06
C ALA F 23 -9.62 4.09 -33.16
N SER F 24 -8.54 3.41 -33.54
CA SER F 24 -8.58 1.96 -33.68
C SER F 24 -7.19 1.39 -33.51
N GLY F 25 -7.12 0.22 -32.87
CA GLY F 25 -5.88 -0.49 -32.73
C GLY F 25 -4.99 -0.05 -31.57
N PHE F 26 -5.48 0.83 -30.70
CA PHE F 26 -4.66 1.28 -29.59
C PHE F 26 -5.56 1.74 -28.45
N ALA F 27 -4.98 1.82 -27.26
CA ALA F 27 -5.70 2.21 -26.05
C ALA F 27 -5.96 3.71 -26.13
N PHE F 28 -7.17 4.07 -26.56
CA PHE F 28 -7.52 5.47 -26.71
C PHE F 28 -7.67 6.15 -25.36
N SER F 29 -8.05 5.41 -24.33
CA SER F 29 -8.29 6.02 -23.02
C SER F 29 -7.00 6.54 -22.40
N SER F 30 -5.90 5.83 -22.55
CA SER F 30 -4.63 6.20 -21.94
C SER F 30 -3.86 7.22 -22.75
N PHE F 31 -4.40 7.68 -23.88
CA PHE F 31 -3.72 8.58 -24.79
C PHE F 31 -4.39 9.94 -24.79
N GLY F 32 -3.59 10.99 -24.76
CA GLY F 32 -4.11 12.33 -24.95
C GLY F 32 -4.17 12.67 -26.43
N MET F 33 -5.19 13.44 -26.80
CA MET F 33 -5.44 13.80 -28.19
C MET F 33 -5.21 15.27 -28.44
N HIS F 34 -4.65 15.57 -29.61
CA HIS F 34 -4.39 16.93 -30.07
C HIS F 34 -5.04 17.14 -31.42
N TRP F 35 -5.25 18.41 -31.76
CA TRP F 35 -5.70 18.83 -33.08
C TRP F 35 -4.69 19.84 -33.61
N VAL F 36 -4.10 19.53 -34.77
CA VAL F 36 -3.11 20.40 -35.39
C VAL F 36 -3.62 20.75 -36.78
N ARG F 37 -3.70 22.05 -37.06
CA ARG F 37 -4.21 22.51 -38.33
C ARG F 37 -3.08 22.99 -39.23
N GLN F 38 -3.31 22.90 -40.53
CA GLN F 38 -2.32 23.30 -41.51
C GLN F 38 -3.03 24.06 -42.61
N ALA F 39 -2.87 25.38 -42.64
CA ALA F 39 -3.49 26.17 -43.68
C ALA F 39 -2.90 25.82 -45.04
N PRO F 40 -3.65 25.99 -46.11
CA PRO F 40 -3.14 25.63 -47.44
C PRO F 40 -1.84 26.36 -47.77
N GLU F 41 -0.81 25.57 -48.06
CA GLU F 41 0.51 26.08 -48.43
C GLU F 41 1.12 26.94 -47.31
N LYS F 42 0.74 26.64 -46.07
CA LYS F 42 1.28 27.33 -44.91
C LYS F 42 1.81 26.34 -43.89
N GLY F 43 2.17 26.83 -42.69
CA GLY F 43 2.72 25.97 -41.67
C GLY F 43 1.68 25.42 -40.71
N LEU F 44 2.12 24.50 -39.86
CA LEU F 44 1.24 23.91 -38.87
C LEU F 44 0.90 24.91 -37.78
N GLU F 45 -0.21 24.66 -37.09
CA GLU F 45 -0.66 25.51 -36.01
C GLU F 45 -1.52 24.69 -35.07
N TRP F 46 -1.13 24.64 -33.80
CA TRP F 46 -1.84 23.83 -32.81
C TRP F 46 -3.22 24.43 -32.52
N VAL F 47 -4.20 23.56 -32.29
CA VAL F 47 -5.60 23.98 -32.10
C VAL F 47 -6.07 23.71 -30.68
N ALA F 48 -6.10 22.44 -30.27
CA ALA F 48 -6.65 22.09 -28.97
C ALA F 48 -5.97 20.83 -28.46
N TYR F 49 -6.20 20.53 -27.19
CA TYR F 49 -5.65 19.33 -26.57
C TYR F 49 -6.53 18.89 -25.43
N ILE F 50 -6.77 17.58 -25.33
CA ILE F 50 -7.56 17.00 -24.24
C ILE F 50 -6.74 15.89 -23.61
N SER F 51 -6.55 15.98 -22.30
CA SER F 51 -5.75 15.00 -21.58
C SER F 51 -6.53 13.71 -21.38
N SER F 52 -5.82 12.66 -21.00
CA SER F 52 -6.45 11.36 -20.81
C SER F 52 -7.32 11.40 -19.56
N GLY F 53 -8.58 11.00 -19.70
CA GLY F 53 -9.55 11.16 -18.65
C GLY F 53 -10.25 12.50 -18.61
N SER F 54 -10.01 13.36 -19.62
CA SER F 54 -10.62 14.67 -19.74
C SER F 54 -10.32 15.59 -18.56
N GLY F 55 -9.16 15.39 -17.91
CA GLY F 55 -8.81 16.22 -16.78
C GLY F 55 -8.56 17.67 -17.14
N THR F 56 -7.70 17.91 -18.13
CA THR F 56 -7.38 19.27 -18.56
C THR F 56 -7.59 19.41 -20.05
N ILE F 57 -8.07 20.58 -20.45
CA ILE F 57 -8.28 20.94 -21.85
C ILE F 57 -7.71 22.33 -22.08
N TYR F 58 -6.88 22.47 -23.10
CA TYR F 58 -6.28 23.75 -23.46
C TYR F 58 -6.72 24.13 -24.86
N TYR F 59 -6.44 25.38 -25.24
CA TYR F 59 -6.83 25.91 -26.53
C TYR F 59 -5.80 26.91 -27.02
N ALA F 60 -5.87 27.22 -28.31
CA ALA F 60 -5.03 28.27 -28.86
C ALA F 60 -5.68 29.63 -28.65
N ASP F 61 -4.87 30.68 -28.74
CA ASP F 61 -5.38 32.03 -28.55
C ASP F 61 -6.33 32.43 -29.67
N THR F 62 -6.09 31.96 -30.90
CA THR F 62 -6.92 32.34 -32.03
C THR F 62 -8.25 31.60 -32.07
N VAL F 63 -8.44 30.57 -31.26
CA VAL F 63 -9.65 29.77 -31.30
C VAL F 63 -10.28 29.58 -29.93
N LYS F 64 -9.87 30.34 -28.92
CA LYS F 64 -10.42 30.16 -27.58
C LYS F 64 -11.90 30.49 -27.56
N GLY F 65 -12.67 29.67 -26.88
CA GLY F 65 -14.11 29.86 -26.73
C GLY F 65 -14.94 29.27 -27.85
N ARG F 66 -14.62 29.61 -29.09
CA ARG F 66 -15.39 29.11 -30.23
C ARG F 66 -15.30 27.59 -30.37
N PHE F 67 -14.12 27.03 -30.22
CA PHE F 67 -13.91 25.61 -30.44
C PHE F 67 -14.21 24.85 -29.16
N THR F 68 -14.83 23.68 -29.30
CA THR F 68 -15.16 22.83 -28.16
C THR F 68 -14.66 21.42 -28.45
N ILE F 69 -13.66 20.97 -27.70
CA ILE F 69 -13.05 19.67 -27.91
C ILE F 69 -13.46 18.75 -26.77
N SER F 70 -13.88 17.54 -27.13
CA SER F 70 -14.31 16.54 -26.16
C SER F 70 -14.03 15.17 -26.73
N ARG F 71 -13.95 14.19 -25.83
CA ARG F 71 -13.66 12.82 -26.24
C ARG F 71 -14.70 11.88 -25.66
N ASP F 72 -14.88 10.74 -26.32
CA ASP F 72 -15.80 9.70 -25.88
C ASP F 72 -14.99 8.41 -25.80
N ASP F 73 -14.40 8.15 -24.63
CA ASP F 73 -13.54 6.99 -24.46
C ASP F 73 -14.22 5.66 -24.77
N PRO F 74 -15.46 5.39 -24.35
CA PRO F 74 -16.05 4.07 -24.64
C PRO F 74 -16.14 3.75 -26.12
N LYS F 75 -16.40 4.74 -26.97
CA LYS F 75 -16.57 4.50 -28.39
C LYS F 75 -15.33 4.79 -29.21
N ASN F 76 -14.23 5.21 -28.57
CA ASN F 76 -12.97 5.49 -29.25
C ASN F 76 -13.16 6.51 -30.38
N THR F 77 -13.55 7.72 -29.99
CA THR F 77 -13.79 8.80 -30.94
C THR F 77 -13.44 10.14 -30.29
N LEU F 78 -12.78 10.99 -31.05
CA LEU F 78 -12.40 12.33 -30.61
C LEU F 78 -13.17 13.36 -31.42
N PHE F 79 -13.74 14.36 -30.73
CA PHE F 79 -14.58 15.35 -31.36
C PHE F 79 -13.96 16.74 -31.28
N LEU F 80 -14.46 17.64 -32.14
CA LEU F 80 -14.05 19.04 -32.13
C LEU F 80 -15.26 19.85 -32.56
N GLN F 81 -16.05 20.32 -31.60
CA GLN F 81 -17.23 21.13 -31.89
C GLN F 81 -16.79 22.54 -32.22
N MET F 82 -17.16 23.01 -33.40
CA MET F 82 -16.62 24.24 -33.96
C MET F 82 -17.76 25.15 -34.41
N THR F 83 -17.76 26.40 -33.93
CA THR F 83 -18.79 27.37 -34.27
C THR F 83 -18.16 28.72 -34.59
N SER F 84 -18.92 29.54 -35.33
CA SER F 84 -18.50 30.87 -35.73
C SER F 84 -17.19 30.82 -36.51
N LEU F 85 -17.22 30.16 -37.66
CA LEU F 85 -16.01 29.95 -38.44
C LEU F 85 -15.74 31.15 -39.35
N ARG F 86 -14.49 31.62 -39.32
CA ARG F 86 -14.06 32.76 -40.11
C ARG F 86 -13.32 32.27 -41.36
N SER F 87 -12.80 33.22 -42.13
CA SER F 87 -12.03 32.86 -43.32
C SER F 87 -10.62 32.39 -42.97
N GLU F 88 -10.16 32.65 -41.75
CA GLU F 88 -8.83 32.21 -41.34
C GLU F 88 -8.79 30.75 -40.92
N ASP F 89 -9.94 30.11 -40.71
CA ASP F 89 -9.96 28.72 -40.31
C ASP F 89 -9.84 27.75 -41.47
N THR F 90 -9.75 28.25 -42.70
CA THR F 90 -9.57 27.37 -43.84
C THR F 90 -8.24 26.64 -43.75
N ALA F 91 -8.30 25.36 -43.45
CA ALA F 91 -7.13 24.52 -43.27
C ALA F 91 -7.62 23.08 -43.25
N MET F 92 -6.69 22.14 -43.22
CA MET F 92 -7.05 20.73 -43.13
C MET F 92 -6.57 20.22 -41.76
N TYR F 93 -7.52 19.82 -40.94
CA TYR F 93 -7.31 19.55 -39.52
C TYR F 93 -6.81 18.13 -39.33
N TYR F 94 -5.94 17.94 -38.35
CA TYR F 94 -5.31 16.65 -38.06
C TYR F 94 -5.69 16.16 -36.67
N CYS F 95 -5.61 14.85 -36.48
CA CYS F 95 -5.86 14.22 -35.19
C CYS F 95 -4.56 13.57 -34.74
N VAL F 96 -3.98 14.12 -33.67
CA VAL F 96 -2.63 13.77 -33.23
C VAL F 96 -2.72 13.06 -31.90
N ARG F 97 -2.01 11.94 -31.77
CA ARG F 97 -1.95 11.21 -30.52
C ARG F 97 -0.68 11.56 -29.76
N SER F 98 -0.79 11.59 -28.42
CA SER F 98 0.35 11.91 -27.58
C SER F 98 0.10 11.38 -26.18
N ILE F 99 0.96 10.47 -25.72
CA ILE F 99 0.96 10.01 -24.33
C ILE F 99 2.16 10.63 -23.63
N TYR F 100 2.02 10.91 -22.34
CA TYR F 100 3.03 11.62 -21.58
C TYR F 100 3.47 10.81 -20.37
N TYR F 101 4.73 10.40 -20.35
CA TYR F 101 5.37 9.80 -19.18
C TYR F 101 6.87 9.80 -19.43
N TYR F 102 7.63 9.28 -18.47
CA TYR F 102 9.07 9.21 -18.65
C TYR F 102 9.40 8.27 -19.79
N GLY F 103 10.16 8.75 -20.77
CA GLY F 103 10.47 7.95 -21.92
C GLY F 103 9.38 7.88 -22.96
N SER F 104 8.30 8.63 -22.78
CA SER F 104 7.20 8.59 -23.72
C SER F 104 7.59 9.29 -25.02
N SER F 105 6.75 9.10 -26.03
CA SER F 105 6.99 9.64 -27.37
C SER F 105 5.76 10.45 -27.78
N PRO F 106 5.65 11.68 -27.28
CA PRO F 106 4.49 12.52 -27.64
C PRO F 106 4.49 12.88 -29.12
N PHE F 107 3.28 13.07 -29.63
CA PHE F 107 3.06 13.40 -31.04
C PHE F 107 3.63 12.34 -31.96
N ASP F 108 3.53 11.08 -31.54
CA ASP F 108 4.10 9.97 -32.31
C ASP F 108 3.29 9.64 -33.56
N PHE F 109 1.98 9.58 -33.45
CA PHE F 109 1.13 9.19 -34.57
C PHE F 109 0.28 10.37 -35.01
N TRP F 110 0.14 10.53 -36.32
CA TRP F 110 -0.61 11.63 -36.90
C TRP F 110 -1.63 11.06 -37.88
N GLY F 111 -2.88 11.45 -37.70
CA GLY F 111 -3.93 10.98 -38.57
C GLY F 111 -3.83 11.59 -39.95
N GLN F 112 -4.61 11.02 -40.87
CA GLN F 112 -4.57 11.47 -42.25
C GLN F 112 -5.05 12.92 -42.39
N GLY F 113 -6.12 13.29 -41.70
CA GLY F 113 -6.58 14.66 -41.73
C GLY F 113 -7.76 14.93 -42.63
N THR F 114 -8.73 15.68 -42.12
CA THR F 114 -9.91 16.07 -42.87
C THR F 114 -9.75 17.52 -43.30
N THR F 115 -10.27 17.85 -44.48
CA THR F 115 -10.11 19.18 -45.03
C THR F 115 -11.33 20.04 -44.73
N LEU F 116 -11.08 21.32 -44.43
CA LEU F 116 -12.13 22.28 -44.17
C LEU F 116 -11.88 23.54 -44.99
N THR F 117 -12.92 24.02 -45.66
CA THR F 117 -12.84 25.19 -46.51
C THR F 117 -14.05 26.07 -46.25
N VAL F 118 -13.83 27.37 -46.14
CA VAL F 118 -14.91 28.33 -45.94
C VAL F 118 -14.83 29.34 -47.09
N SER F 119 -15.99 29.78 -47.55
CA SER F 119 -16.08 30.74 -48.66
C SER F 119 -16.30 32.12 -48.08
N SER F 135 3.09 37.45 -28.47
CA SER F 135 2.86 37.45 -27.03
C SER F 135 3.87 36.56 -26.32
N ALA F 136 3.43 35.88 -25.27
CA ALA F 136 4.34 35.03 -24.50
C ALA F 136 4.69 33.74 -25.21
N ASP F 137 3.90 33.37 -26.23
CA ASP F 137 4.16 32.16 -26.99
C ASP F 137 5.58 32.14 -27.51
N ILE F 138 6.28 31.04 -27.28
CA ILE F 138 7.66 30.93 -27.73
C ILE F 138 7.73 30.92 -29.23
N VAL F 139 8.10 32.06 -29.81
CA VAL F 139 8.15 32.17 -31.25
C VAL F 139 9.22 31.26 -31.82
N MET F 140 8.86 30.52 -32.86
CA MET F 140 9.81 29.62 -33.49
C MET F 140 10.17 30.21 -34.86
N THR F 141 11.46 30.39 -35.11
CA THR F 141 11.94 30.98 -36.35
C THR F 141 12.81 29.98 -37.10
N GLN F 142 12.47 29.76 -38.37
CA GLN F 142 13.25 28.90 -39.26
C GLN F 142 13.77 29.80 -40.38
N ALA F 143 14.98 30.34 -40.18
CA ALA F 143 15.51 31.34 -41.10
C ALA F 143 15.53 30.82 -42.53
N THR F 144 15.96 29.58 -42.72
CA THR F 144 15.92 28.98 -44.04
C THR F 144 14.50 28.53 -44.39
N SER F 145 14.17 28.61 -45.67
CA SER F 145 12.87 28.19 -46.16
C SER F 145 12.95 27.16 -47.27
N SER F 146 14.05 27.12 -48.01
CA SER F 146 14.21 26.15 -49.08
C SER F 146 15.68 25.76 -49.18
N VAL F 147 15.97 24.48 -49.01
CA VAL F 147 17.34 23.99 -49.09
C VAL F 147 17.44 22.94 -50.20
N PRO F 148 18.00 23.27 -51.36
CA PRO F 148 18.22 22.25 -52.39
C PRO F 148 19.16 21.16 -51.88
N VAL F 149 18.82 19.91 -52.20
CA VAL F 149 19.57 18.77 -51.72
C VAL F 149 19.85 17.83 -52.89
N THR F 150 20.85 16.98 -52.69
CA THR F 150 21.21 15.94 -53.64
C THR F 150 21.27 14.60 -52.91
N PRO F 151 20.83 13.52 -53.54
CA PRO F 151 20.89 12.21 -52.88
C PRO F 151 22.31 11.83 -52.53
N GLY F 152 22.47 11.19 -51.38
CA GLY F 152 23.76 10.77 -50.90
C GLY F 152 24.54 11.83 -50.14
N GLU F 153 24.03 13.04 -50.05
CA GLU F 153 24.70 14.12 -49.35
C GLU F 153 24.12 14.30 -47.95
N SER F 154 24.88 14.98 -47.10
CA SER F 154 24.49 15.25 -45.73
C SER F 154 24.09 16.71 -45.60
N VAL F 155 22.85 16.95 -45.15
CA VAL F 155 22.29 18.28 -45.04
C VAL F 155 21.91 18.54 -43.59
N SER F 156 21.84 19.81 -43.23
CA SER F 156 21.49 20.22 -41.87
C SER F 156 20.40 21.28 -41.92
N ILE F 157 19.50 21.23 -40.94
CA ILE F 157 18.40 22.19 -40.82
C ILE F 157 18.50 22.90 -39.48
N SER F 158 18.40 24.22 -39.48
CA SER F 158 18.50 25.02 -38.27
C SER F 158 17.15 25.60 -37.88
N CYS F 159 16.85 25.56 -36.58
CA CYS F 159 15.62 26.11 -36.04
C CYS F 159 15.94 26.77 -34.71
N ARG F 160 15.38 27.96 -34.50
CA ARG F 160 15.73 28.78 -33.35
C ARG F 160 14.48 29.16 -32.57
N SER F 161 14.69 29.49 -31.30
CA SER F 161 13.61 29.86 -30.39
C SER F 161 13.93 31.17 -29.70
N SER F 162 12.88 31.91 -29.36
CA SER F 162 13.06 33.17 -28.65
C SER F 162 13.53 32.92 -27.21
N LYS F 163 12.94 31.93 -26.55
CA LYS F 163 13.27 31.59 -25.18
C LYS F 163 13.94 30.22 -25.13
N SER F 164 14.93 30.09 -24.25
CA SER F 164 15.63 28.83 -24.10
C SER F 164 14.66 27.74 -23.68
N LEU F 165 14.69 26.61 -24.39
CA LEU F 165 13.78 25.50 -24.13
C LEU F 165 14.30 24.54 -23.08
N LEU F 166 15.56 24.65 -22.68
CA LEU F 166 16.12 23.76 -21.68
C LEU F 166 15.47 24.03 -20.33
N HIS F 167 14.70 23.06 -19.84
CA HIS F 167 14.05 23.17 -18.55
C HIS F 167 15.03 22.73 -17.45
N SER F 168 14.63 23.01 -16.20
CA SER F 168 15.49 22.71 -15.07
C SER F 168 15.68 21.22 -14.84
N ASN F 169 14.81 20.38 -15.40
CA ASN F 169 14.91 18.94 -15.17
C ASN F 169 15.81 18.24 -16.17
N GLY F 170 16.52 18.97 -17.01
CA GLY F 170 17.44 18.39 -17.96
C GLY F 170 16.86 18.11 -19.33
N ASN F 171 15.54 18.13 -19.46
CA ASN F 171 14.90 17.89 -20.74
C ASN F 171 14.84 19.19 -21.55
N THR F 172 14.95 19.06 -22.85
CA THR F 172 14.77 20.16 -23.78
C THR F 172 13.60 19.76 -24.69
N TYR F 173 12.53 20.56 -24.66
CA TYR F 173 11.28 20.19 -25.33
C TYR F 173 11.20 20.86 -26.70
N LEU F 174 11.90 20.27 -27.67
CA LEU F 174 11.77 20.58 -29.10
C LEU F 174 11.62 19.33 -29.94
N TYR F 175 10.59 19.27 -30.81
CA TYR F 175 10.32 18.08 -31.59
C TYR F 175 10.53 18.40 -33.06
N TRP F 176 10.96 17.40 -33.83
CA TRP F 176 11.19 17.55 -35.26
C TRP F 176 10.21 16.67 -36.02
N PHE F 177 9.56 17.24 -37.03
CA PHE F 177 8.54 16.56 -37.82
C PHE F 177 8.91 16.56 -39.29
N LEU F 178 8.37 15.60 -40.03
CA LEU F 178 8.61 15.43 -41.45
C LEU F 178 7.29 15.23 -42.17
N GLN F 179 6.94 16.18 -43.03
CA GLN F 179 5.72 16.06 -43.83
C GLN F 179 6.11 15.78 -45.27
N ARG F 180 6.07 14.51 -45.63
CA ARG F 180 6.25 14.14 -47.03
C ARG F 180 5.10 14.71 -47.86
N PRO F 181 5.34 15.03 -49.13
CA PRO F 181 4.26 15.58 -49.95
C PRO F 181 3.07 14.63 -50.03
N GLY F 182 1.90 15.15 -49.73
CA GLY F 182 0.69 14.34 -49.74
C GLY F 182 0.62 13.29 -48.67
N GLN F 183 1.28 13.53 -47.53
CA GLN F 183 1.27 12.57 -46.43
C GLN F 183 1.19 13.32 -45.11
N SER F 184 0.70 12.62 -44.09
CA SER F 184 0.66 13.19 -42.76
C SER F 184 2.06 13.17 -42.15
N PRO F 185 2.40 14.20 -41.37
CA PRO F 185 3.74 14.26 -40.79
C PRO F 185 4.01 13.12 -39.83
N GLN F 186 5.26 12.70 -39.78
CA GLN F 186 5.71 11.64 -38.91
C GLN F 186 6.79 12.19 -37.99
N LEU F 187 6.83 11.68 -36.76
CA LEU F 187 7.79 12.16 -35.79
C LEU F 187 9.16 11.57 -36.08
N LEU F 188 10.19 12.42 -36.08
CA LEU F 188 11.55 11.98 -36.31
C LEU F 188 12.39 12.06 -35.04
N ILE F 189 12.48 13.23 -34.42
CA ILE F 189 13.26 13.41 -33.21
C ILE F 189 12.37 14.09 -32.17
N TYR F 190 12.29 13.48 -30.99
CA TYR F 190 11.55 14.04 -29.87
C TYR F 190 12.54 14.40 -28.77
N ARG F 191 12.31 15.55 -28.14
CA ARG F 191 13.16 16.08 -27.07
C ARG F 191 14.59 16.31 -27.54
N MET F 192 14.74 16.64 -28.83
CA MET F 192 15.95 17.17 -29.45
C MET F 192 17.09 16.17 -29.62
N SER F 193 17.00 15.00 -28.99
CA SER F 193 18.06 14.01 -29.13
C SER F 193 17.58 12.59 -29.36
N ASN F 194 16.39 12.22 -28.94
CA ASN F 194 15.92 10.84 -29.01
C ASN F 194 15.26 10.59 -30.36
N LEU F 195 15.59 9.47 -30.98
CA LEU F 195 15.02 9.09 -32.25
C LEU F 195 13.73 8.32 -32.02
N ALA F 196 12.72 8.58 -32.86
CA ALA F 196 11.44 7.92 -32.71
C ALA F 196 11.54 6.44 -33.11
N SER F 197 10.41 5.75 -33.01
CA SER F 197 10.38 4.34 -33.38
C SER F 197 10.04 4.20 -34.86
N GLY F 198 10.90 3.51 -35.59
CA GLY F 198 10.71 3.30 -37.01
C GLY F 198 11.44 4.26 -37.92
N VAL F 199 12.05 5.31 -37.37
CA VAL F 199 12.83 6.25 -38.17
C VAL F 199 14.28 5.80 -38.19
N PRO F 200 14.93 5.77 -39.35
CA PRO F 200 16.29 5.23 -39.43
C PRO F 200 17.29 6.06 -38.63
N ASP F 201 18.42 5.43 -38.32
CA ASP F 201 19.46 6.05 -37.50
C ASP F 201 20.16 7.22 -38.17
N ARG F 202 19.95 7.44 -39.47
CA ARG F 202 20.62 8.52 -40.17
C ARG F 202 20.16 9.91 -39.72
N PHE F 203 19.08 10.01 -38.96
CA PHE F 203 18.60 11.29 -38.46
C PHE F 203 19.14 11.53 -37.06
N SER F 204 19.67 12.73 -36.82
CA SER F 204 20.19 13.09 -35.51
C SER F 204 20.08 14.59 -35.32
N GLY F 205 19.99 15.01 -34.07
CA GLY F 205 19.81 16.42 -33.75
C GLY F 205 20.67 16.82 -32.58
N SER F 206 20.87 18.13 -32.44
CA SER F 206 21.72 18.66 -31.39
C SER F 206 21.32 20.11 -31.13
N GLY F 207 22.14 20.81 -30.34
CA GLY F 207 21.88 22.19 -29.96
C GLY F 207 22.07 22.35 -28.46
N SER F 208 22.27 23.59 -28.02
CA SER F 208 22.49 23.83 -26.59
C SER F 208 21.21 24.28 -25.89
N GLY F 209 20.75 25.50 -26.17
CA GLY F 209 19.53 25.96 -25.55
C GLY F 209 18.61 26.80 -26.42
N THR F 210 19.12 27.32 -27.50
CA THR F 210 18.33 28.16 -28.39
C THR F 210 18.44 27.77 -29.85
N ALA F 211 19.64 27.39 -30.30
CA ALA F 211 19.88 26.98 -31.68
C ALA F 211 19.92 25.45 -31.71
N PHE F 212 19.00 24.87 -32.46
CA PHE F 212 18.86 23.42 -32.58
C PHE F 212 18.96 23.02 -34.05
N THR F 213 19.80 22.02 -34.32
CA THR F 213 20.10 21.61 -35.68
C THR F 213 19.83 20.12 -35.84
N LEU F 214 19.26 19.74 -36.97
CA LEU F 214 18.98 18.35 -37.31
C LEU F 214 19.82 17.97 -38.51
N THR F 215 20.63 16.92 -38.38
CA THR F 215 21.54 16.49 -39.42
C THR F 215 20.99 15.24 -40.10
N ILE F 216 20.84 15.30 -41.42
CA ILE F 216 20.37 14.16 -42.20
C ILE F 216 21.55 13.60 -42.99
N SER F 217 22.25 12.63 -42.41
CA SER F 217 23.41 12.04 -43.07
C SER F 217 22.95 11.00 -44.08
N ARG F 218 23.57 11.03 -45.27
CA ARG F 218 23.25 10.11 -46.36
C ARG F 218 21.77 10.22 -46.73
N LEU F 219 21.43 11.39 -47.23
CA LEU F 219 20.06 11.67 -47.64
C LEU F 219 19.70 10.90 -48.91
N GLU F 220 18.47 10.40 -48.96
CA GLU F 220 18.00 9.68 -50.13
C GLU F 220 16.54 9.99 -50.40
N ALA F 221 15.90 9.19 -51.25
CA ALA F 221 14.48 9.37 -51.52
C ALA F 221 13.67 9.08 -50.26
N GLU F 222 12.39 9.43 -50.30
CA GLU F 222 11.47 9.30 -49.16
C GLU F 222 11.93 10.18 -47.99
N ASP F 223 12.86 11.08 -48.24
CA ASP F 223 13.28 12.08 -47.26
C ASP F 223 12.96 13.48 -47.70
N VAL F 224 12.52 13.68 -48.94
CA VAL F 224 12.14 15.00 -49.40
C VAL F 224 10.78 15.38 -48.83
N GLY F 225 10.69 16.61 -48.32
CA GLY F 225 9.47 17.12 -47.75
C GLY F 225 9.75 18.37 -46.96
N VAL F 226 8.80 18.72 -46.08
CA VAL F 226 8.87 19.90 -45.24
C VAL F 226 9.15 19.45 -43.81
N TYR F 227 10.15 20.08 -43.18
CA TYR F 227 10.55 19.72 -41.82
C TYR F 227 10.05 20.81 -40.87
N TYR F 228 9.38 20.40 -39.80
CA TYR F 228 8.78 21.32 -38.86
C TYR F 228 9.37 21.12 -37.46
N CYS F 229 9.62 22.21 -36.77
CA CYS F 229 10.12 22.19 -35.41
C CYS F 229 9.10 22.80 -34.46
N MET F 230 8.81 22.09 -33.38
CA MET F 230 7.76 22.47 -32.45
C MET F 230 8.29 22.43 -31.02
N GLN F 231 7.83 23.37 -30.19
CA GLN F 231 8.22 23.42 -28.78
C GLN F 231 7.13 22.78 -27.93
N HIS F 232 7.51 22.35 -26.73
CA HIS F 232 6.56 21.74 -25.81
C HIS F 232 6.83 22.17 -24.37
N LEU F 233 7.34 23.38 -24.20
CA LEU F 233 7.59 23.91 -22.86
C LEU F 233 6.32 24.56 -22.30
N GLU F 234 5.80 25.55 -23.01
CA GLU F 234 4.54 26.19 -22.67
C GLU F 234 3.45 25.68 -23.60
N TYR F 235 2.26 25.47 -23.03
CA TYR F 235 1.21 24.76 -23.75
C TYR F 235 0.74 25.43 -25.04
N PRO F 236 0.74 26.76 -25.17
CA PRO F 236 0.46 27.33 -26.48
C PRO F 236 1.58 27.03 -27.46
N LEU F 237 1.63 25.78 -27.92
CA LEU F 237 2.70 25.31 -28.78
C LEU F 237 2.74 26.10 -30.08
N THR F 238 3.94 26.40 -30.53
CA THR F 238 4.14 27.11 -31.78
C THR F 238 4.99 26.29 -32.72
N PHE F 239 4.57 26.22 -33.98
CA PHE F 239 5.29 25.49 -35.01
C PHE F 239 6.10 26.47 -35.87
N GLY F 240 7.25 26.02 -36.31
CA GLY F 240 8.09 26.86 -37.15
C GLY F 240 7.49 27.02 -38.54
N ALA F 241 8.08 27.96 -39.29
CA ALA F 241 7.63 28.20 -40.65
C ALA F 241 7.82 26.99 -41.55
N GLY F 242 8.79 26.12 -41.21
CA GLY F 242 9.01 24.92 -41.99
C GLY F 242 10.00 25.12 -43.13
N THR F 243 10.91 24.17 -43.28
CA THR F 243 11.90 24.19 -44.35
C THR F 243 11.53 23.15 -45.40
N LYS F 244 11.61 23.53 -46.67
CA LYS F 244 11.27 22.64 -47.76
C LYS F 244 12.53 22.12 -48.42
N LEU F 245 12.66 20.81 -48.50
CA LEU F 245 13.81 20.16 -49.13
C LEU F 245 13.43 19.83 -50.57
N GLU F 246 14.21 20.36 -51.51
CA GLU F 246 13.98 20.15 -52.94
C GLU F 246 15.03 19.21 -53.49
N LEU F 247 14.58 18.18 -54.21
CA LEU F 247 15.48 17.20 -54.80
C LEU F 247 15.93 17.64 -56.19
#